data_6IID
#
_entry.id   6IID
#
_cell.length_a   73.710
_cell.length_b   75.953
_cell.length_c   81.152
_cell.angle_alpha   72.96
_cell.angle_beta   90.01
_cell.angle_gamma   70.75
#
_symmetry.space_group_name_H-M   'P 1'
#
loop_
_entity.id
_entity.type
_entity.pdbx_description
1 polymer 'Nuclease EXOG, mitochondrial'
2 polymer "DNA/RNA (5'-R(P*CP*GP*GP*GP*A)-D(P*T)-R(P*G)-D(P*T)-R(P*CP*AP*CP*G)-3')"
3 polymer "DNA (5'-D(*CP*GP*TP*GP*AP*CP*AP*TP*CP*CP*CP*G)-3')"
4 non-polymer 'MAGNESIUM ION'
5 water water
#
loop_
_entity_poly.entity_id
_entity_poly.type
_entity_poly.pdbx_seq_one_letter_code
_entity_poly.pdbx_strand_id
1 'polypeptide(L)'
;MGSSHHHHHHSSGLVPRGSHMQGAEGALTGKQPDGSAEKAVLEQFGFPLTGTEARCYTNHALSYDQAKRVPRWVLEHISK
SKIMGDADRKHCKFKPDPNIPPTFSAFNEDYVGSGWSRGAMAPAGNNKFSSKAMAETFYLSNIVPQDFDNNSGYWNRIEM
YCRELTERFEDVWVVSGPLTLPQTRGDGKKIVSYQVIGEDNVAVPSHLYKVILARRSSVSTEPLALGAFVVPNEAIGFQP
QLTEFQVSLQDLEKLSGLVFFPHLDRTSDIRNICSVDTCKLLDFQEFTLYLSTRKIEGARSVLRLEKIMENLKNAEIEPD
DYFMSRYEKKLEELKAKEQSGTQIRKPS
;
A,B,C,D
2 'polydeoxyribonucleotide/polyribonucleotide hybrid' CG(DG)(DG)(DA)(DT)(DG)(DT)(DC)(DA)(DC)(DG) E,G,I,K
3 'polydeoxyribonucleotide' (DC)(DG)(DT)(DG)(DA)(DC)(DA)(DT)(DC)(DC)(DC)(DG) F,H,J,L
#
# COMPACT_ATOMS: atom_id res chain seq x y z
N GLU A 38 13.62 -24.01 -32.24
CA GLU A 38 13.72 -23.39 -30.93
C GLU A 38 13.25 -21.95 -30.98
N LYS A 39 14.08 -21.09 -31.59
CA LYS A 39 13.67 -19.70 -31.79
C LYS A 39 12.30 -19.62 -32.45
N ALA A 40 12.04 -20.51 -33.42
CA ALA A 40 10.74 -20.52 -34.09
C ALA A 40 9.61 -20.54 -33.07
N VAL A 41 9.76 -21.31 -32.00
CA VAL A 41 8.71 -21.39 -30.99
C VAL A 41 8.69 -20.10 -30.17
N LEU A 42 9.86 -19.62 -29.77
CA LEU A 42 9.93 -18.37 -29.01
C LEU A 42 9.33 -17.21 -29.80
N GLU A 43 9.80 -17.00 -31.03
CA GLU A 43 9.44 -15.84 -31.83
C GLU A 43 8.03 -15.93 -32.42
N GLN A 44 7.28 -16.99 -32.13
CA GLN A 44 6.05 -17.26 -32.86
C GLN A 44 5.15 -16.03 -32.94
N PHE A 45 5.14 -15.19 -31.90
CA PHE A 45 4.41 -13.93 -31.92
C PHE A 45 5.33 -12.73 -31.91
N GLY A 46 6.60 -12.93 -32.27
CA GLY A 46 7.58 -11.87 -32.26
C GLY A 46 8.06 -11.54 -30.85
N PHE A 47 9.16 -10.81 -30.79
CA PHE A 47 9.69 -10.31 -29.54
C PHE A 47 9.07 -8.96 -29.21
N PRO A 48 9.21 -8.50 -27.98
CA PRO A 48 8.79 -7.13 -27.65
C PRO A 48 9.67 -6.10 -28.34
N LEU A 49 9.06 -5.00 -28.76
CA LEU A 49 9.74 -3.97 -29.52
C LEU A 49 10.19 -2.86 -28.59
N THR A 50 11.50 -2.63 -28.51
CA THR A 50 12.03 -1.56 -27.69
C THR A 50 11.94 -0.19 -28.37
N GLY A 51 11.87 -0.16 -29.69
CA GLY A 51 11.83 1.10 -30.40
C GLY A 51 13.10 1.91 -30.29
N THR A 52 14.25 1.25 -30.23
CA THR A 52 15.54 1.91 -30.07
C THR A 52 16.34 1.94 -31.37
N GLU A 53 15.74 1.50 -32.48
CA GLU A 53 16.44 1.52 -33.76
C GLU A 53 16.78 2.96 -34.13
N ALA A 54 17.91 3.11 -34.83
CA ALA A 54 18.34 4.44 -35.26
C ALA A 54 17.27 5.09 -36.13
N ARG A 55 17.13 6.40 -36.01
CA ARG A 55 16.15 7.17 -36.76
C ARG A 55 16.88 8.35 -37.39
N CYS A 56 17.14 8.26 -38.69
CA CYS A 56 17.92 9.28 -39.40
C CYS A 56 17.01 10.33 -40.01
N TYR A 57 17.44 11.59 -39.93
CA TYR A 57 16.76 12.72 -40.54
C TYR A 57 17.76 13.45 -41.45
N THR A 58 17.35 14.61 -41.96
CA THR A 58 18.18 15.35 -42.90
C THR A 58 19.59 15.57 -42.36
N ASN A 59 19.70 16.20 -41.18
CA ASN A 59 20.99 16.59 -40.64
C ASN A 59 21.15 16.14 -39.19
N HIS A 60 20.49 15.06 -38.81
CA HIS A 60 20.71 14.49 -37.48
C HIS A 60 20.07 13.11 -37.40
N ALA A 61 20.54 12.33 -36.43
CA ALA A 61 20.02 11.00 -36.17
C ALA A 61 19.90 10.80 -34.66
N LEU A 62 18.96 9.97 -34.25
CA LEU A 62 18.67 9.79 -32.83
C LEU A 62 18.15 8.38 -32.57
N SER A 63 18.26 7.97 -31.32
CA SER A 63 17.61 6.77 -30.81
C SER A 63 16.62 7.20 -29.74
N TYR A 64 15.34 6.94 -29.98
CA TYR A 64 14.29 7.41 -29.08
C TYR A 64 14.07 6.43 -27.93
N ASP A 65 13.68 6.99 -26.79
CA ASP A 65 13.35 6.20 -25.60
C ASP A 65 11.84 6.22 -25.44
N GLN A 66 11.20 5.08 -25.72
CA GLN A 66 9.75 5.01 -25.65
C GLN A 66 9.24 5.09 -24.22
N ALA A 67 10.01 4.61 -23.26
CA ALA A 67 9.61 4.68 -21.86
C ALA A 67 9.76 6.09 -21.30
N LYS A 68 10.95 6.67 -21.43
CA LYS A 68 11.23 7.99 -20.86
C LYS A 68 10.67 9.13 -21.71
N ARG A 69 10.32 8.88 -22.97
CA ARG A 69 9.74 9.90 -23.84
C ARG A 69 10.77 10.93 -24.29
N VAL A 70 12.04 10.54 -24.34
CA VAL A 70 13.13 11.42 -24.76
C VAL A 70 14.07 10.65 -25.66
N PRO A 71 14.97 11.31 -26.38
CA PRO A 71 16.02 10.60 -27.11
C PRO A 71 17.11 10.10 -26.16
N ARG A 72 17.70 8.97 -26.54
CA ARG A 72 18.86 8.45 -25.81
C ARG A 72 20.13 9.17 -26.24
N TRP A 73 20.35 9.25 -27.55
CA TRP A 73 21.46 9.99 -28.13
C TRP A 73 20.95 10.68 -29.38
N VAL A 74 21.56 11.82 -29.71
CA VAL A 74 21.22 12.58 -30.91
C VAL A 74 22.53 12.98 -31.57
N LEU A 75 22.69 12.59 -32.83
CA LEU A 75 23.93 12.76 -33.57
C LEU A 75 23.72 13.78 -34.68
N GLU A 76 24.43 14.91 -34.60
CA GLU A 76 24.41 15.94 -35.62
C GLU A 76 25.81 16.13 -36.20
N HIS A 77 25.86 16.80 -37.35
CA HIS A 77 27.11 17.14 -38.00
C HIS A 77 27.07 18.62 -38.38
N ILE A 78 28.15 19.34 -38.08
CA ILE A 78 28.22 20.78 -38.30
C ILE A 78 29.27 21.08 -39.35
N SER A 79 29.08 22.19 -40.06
CA SER A 79 30.02 22.65 -41.07
C SER A 79 29.87 24.16 -41.23
N LYS A 80 30.82 24.75 -41.96
CA LYS A 80 30.75 26.18 -42.23
C LYS A 80 29.45 26.54 -42.93
N SER A 81 29.12 25.82 -44.00
CA SER A 81 27.96 26.17 -44.81
C SER A 81 26.65 25.94 -44.08
N LYS A 82 26.62 24.97 -43.17
CA LYS A 82 25.34 24.56 -42.59
C LYS A 82 24.79 25.59 -41.61
N ILE A 83 25.65 26.36 -40.97
CA ILE A 83 25.22 27.33 -39.96
C ILE A 83 24.86 28.65 -40.62
N MET A 84 24.77 28.66 -41.95
CA MET A 84 24.52 29.87 -42.72
C MET A 84 23.43 29.58 -43.74
N GLY A 85 22.29 30.25 -43.60
CA GLY A 85 21.20 30.07 -44.53
C GLY A 85 20.02 30.94 -44.15
N ASP A 86 18.94 30.77 -44.90
CA ASP A 86 17.73 31.56 -44.72
C ASP A 86 16.78 30.97 -43.68
N ALA A 87 17.11 29.84 -43.08
CA ALA A 87 16.23 29.21 -42.12
C ALA A 87 16.09 30.08 -40.88
N ASP A 88 14.85 30.29 -40.44
CA ASP A 88 14.55 31.14 -39.30
C ASP A 88 13.72 30.37 -38.28
N ARG A 89 14.08 30.52 -37.01
CA ARG A 89 13.41 29.77 -35.94
C ARG A 89 11.91 30.04 -35.92
N LYS A 90 11.53 31.32 -35.87
CA LYS A 90 10.13 31.68 -35.67
C LYS A 90 9.19 30.88 -36.55
N HIS A 91 9.63 30.50 -37.75
CA HIS A 91 8.80 29.73 -38.67
C HIS A 91 8.47 28.33 -38.14
N CYS A 92 9.15 27.87 -37.10
CA CYS A 92 9.04 26.49 -36.66
C CYS A 92 8.33 26.42 -35.30
N LYS A 93 7.82 25.23 -35.00
CA LYS A 93 7.10 24.99 -33.75
C LYS A 93 7.36 23.55 -33.30
N PHE A 94 7.33 23.35 -31.99
CA PHE A 94 7.47 22.01 -31.44
C PHE A 94 6.21 21.19 -31.70
N LYS A 95 6.38 19.89 -31.90
CA LYS A 95 5.27 19.00 -32.20
C LYS A 95 5.75 17.57 -32.03
N PRO A 96 4.86 16.64 -31.73
CA PRO A 96 5.28 15.24 -31.64
C PRO A 96 5.87 14.75 -32.96
N ASP A 97 6.88 13.89 -32.86
CA ASP A 97 7.54 13.36 -34.04
C ASP A 97 6.58 12.42 -34.78
N PRO A 98 6.30 12.66 -36.07
CA PRO A 98 5.35 11.76 -36.77
C PRO A 98 5.79 10.31 -36.81
N ASN A 99 7.09 10.03 -36.86
CA ASN A 99 7.57 8.66 -36.98
C ASN A 99 7.37 7.86 -35.71
N ILE A 100 7.11 8.52 -34.58
CA ILE A 100 7.01 7.84 -33.29
C ILE A 100 5.56 7.42 -33.04
N PRO A 101 5.32 6.22 -32.51
CA PRO A 101 3.95 5.86 -32.11
C PRO A 101 3.42 6.81 -31.06
N PRO A 102 2.26 7.45 -31.31
CA PRO A 102 1.72 8.40 -30.31
C PRO A 102 1.61 7.82 -28.91
N THR A 103 1.58 6.49 -28.78
CA THR A 103 1.55 5.89 -27.46
C THR A 103 2.79 6.24 -26.66
N PHE A 104 3.96 6.24 -27.32
CA PHE A 104 5.23 6.49 -26.67
C PHE A 104 5.79 7.86 -27.01
N SER A 105 4.93 8.80 -27.39
CA SER A 105 5.36 10.12 -27.81
C SER A 105 5.12 11.14 -26.70
N ALA A 106 6.04 12.09 -26.57
CA ALA A 106 5.79 13.26 -25.76
C ALA A 106 4.89 14.22 -26.54
N PHE A 107 4.28 15.15 -25.81
CA PHE A 107 3.36 16.11 -26.42
C PHE A 107 3.58 17.48 -25.78
N ASN A 108 3.36 18.53 -26.57
CA ASN A 108 3.50 19.88 -26.05
C ASN A 108 2.70 20.08 -24.78
N GLU A 109 1.56 19.38 -24.66
CA GLU A 109 0.74 19.50 -23.47
C GLU A 109 1.48 18.99 -22.24
N ASP A 110 2.42 18.06 -22.41
CA ASP A 110 3.22 17.58 -21.29
C ASP A 110 4.20 18.64 -20.80
N TYR A 111 4.66 19.51 -21.70
CA TYR A 111 5.68 20.49 -21.36
C TYR A 111 5.07 21.80 -20.85
N VAL A 112 4.12 22.37 -21.59
CA VAL A 112 3.58 23.68 -21.23
C VAL A 112 3.07 23.64 -19.80
N GLY A 113 3.52 24.60 -18.99
CA GLY A 113 3.16 24.65 -17.59
C GLY A 113 3.90 23.69 -16.69
N SER A 114 4.81 22.86 -17.26
CA SER A 114 5.57 21.93 -16.46
C SER A 114 6.65 22.60 -15.61
N GLY A 115 6.94 23.87 -15.87
CA GLY A 115 8.09 24.51 -15.27
C GLY A 115 9.40 24.25 -15.99
N TRP A 116 9.38 23.48 -17.08
CA TRP A 116 10.57 23.14 -17.84
C TRP A 116 10.41 23.58 -19.28
N SER A 117 11.55 23.78 -19.94
CA SER A 117 11.57 24.21 -21.32
C SER A 117 11.81 23.03 -22.25
N ARG A 118 11.42 23.21 -23.51
CA ARG A 118 11.64 22.19 -24.55
C ARG A 118 13.01 22.41 -25.16
N GLY A 119 14.03 21.84 -24.50
CA GLY A 119 15.40 21.99 -24.95
C GLY A 119 15.79 20.99 -26.02
N ALA A 120 16.27 21.49 -27.15
CA ALA A 120 16.65 20.63 -28.26
C ALA A 120 18.08 20.11 -28.10
N MET A 121 18.29 18.89 -28.56
CA MET A 121 19.61 18.26 -28.54
C MET A 121 20.37 18.46 -29.85
N ALA A 122 19.66 18.48 -30.97
CA ALA A 122 20.25 18.93 -32.22
C ALA A 122 19.77 20.37 -32.45
N PRO A 123 20.61 21.38 -32.27
CA PRO A 123 20.10 22.75 -32.24
C PRO A 123 19.57 23.21 -33.60
N ALA A 124 18.66 24.18 -33.55
CA ALA A 124 18.20 24.82 -34.77
C ALA A 124 19.28 25.71 -35.36
N GLY A 125 20.04 26.40 -34.51
CA GLY A 125 21.14 27.23 -34.97
C GLY A 125 22.18 26.46 -35.77
N ASN A 126 22.19 25.14 -35.66
CA ASN A 126 23.13 24.32 -36.43
C ASN A 126 22.56 23.86 -37.75
N ASN A 127 21.29 24.14 -38.04
CA ASN A 127 20.65 23.73 -39.28
C ASN A 127 20.11 24.93 -40.05
N LYS A 128 20.77 26.09 -39.91
CA LYS A 128 20.25 27.30 -40.54
C LYS A 128 20.32 27.27 -42.06
N PHE A 129 21.00 26.27 -42.65
CA PHE A 129 21.12 26.18 -44.10
C PHE A 129 19.93 25.50 -44.76
N SER A 130 19.17 24.68 -44.04
CA SER A 130 18.08 23.91 -44.60
C SER A 130 16.78 24.29 -43.93
N SER A 131 15.78 24.65 -44.74
CA SER A 131 14.46 24.98 -44.20
C SER A 131 13.80 23.77 -43.57
N LYS A 132 14.19 22.55 -43.97
CA LYS A 132 13.59 21.34 -43.42
C LYS A 132 14.39 20.76 -42.26
N ALA A 133 15.72 20.79 -42.34
CA ALA A 133 16.53 20.21 -41.26
C ALA A 133 16.32 20.95 -39.95
N MET A 134 16.05 22.25 -40.01
CA MET A 134 15.72 22.99 -38.79
C MET A 134 14.38 22.52 -38.24
N ALA A 135 13.37 22.42 -39.10
CA ALA A 135 12.03 22.03 -38.64
C ALA A 135 12.04 20.67 -37.97
N GLU A 136 12.89 19.75 -38.43
CA GLU A 136 12.92 18.40 -37.87
C GLU A 136 13.50 18.40 -36.46
N THR A 137 14.41 19.33 -36.15
CA THR A 137 14.94 19.43 -34.79
C THR A 137 13.85 19.77 -33.79
N PHE A 138 12.75 20.37 -34.23
CA PHE A 138 11.66 20.73 -33.33
C PHE A 138 10.73 19.57 -33.03
N TYR A 139 10.95 18.41 -33.65
CA TYR A 139 10.22 17.20 -33.24
C TYR A 139 10.54 16.89 -31.79
N LEU A 140 9.51 16.59 -31.00
CA LEU A 140 9.73 16.31 -29.58
C LEU A 140 10.62 15.09 -29.34
N SER A 141 10.99 14.34 -30.39
CA SER A 141 11.99 13.29 -30.26
C SER A 141 13.40 13.84 -30.14
N ASN A 142 13.61 15.08 -30.54
CA ASN A 142 14.88 15.78 -30.39
C ASN A 142 14.91 16.63 -29.13
N ILE A 143 13.85 16.60 -28.32
CA ILE A 143 13.69 17.52 -27.20
C ILE A 143 13.78 16.75 -25.89
N VAL A 144 14.29 17.42 -24.86
CA VAL A 144 14.20 16.93 -23.49
C VAL A 144 13.70 18.07 -22.61
N PRO A 145 13.10 17.75 -21.47
CA PRO A 145 12.71 18.82 -20.53
C PRO A 145 13.93 19.46 -19.88
N GLN A 146 14.20 20.72 -20.21
CA GLN A 146 15.43 21.39 -19.79
C GLN A 146 15.12 22.63 -18.98
N ASP A 147 15.97 22.89 -17.98
CA ASP A 147 15.86 24.11 -17.20
C ASP A 147 15.88 25.32 -18.12
N PHE A 148 14.92 26.23 -17.91
CA PHE A 148 14.80 27.41 -18.77
C PHE A 148 16.13 28.17 -18.85
N ASP A 149 16.75 28.43 -17.70
CA ASP A 149 17.99 29.20 -17.68
C ASP A 149 19.12 28.41 -18.32
N ASN A 150 19.28 27.15 -17.94
CA ASN A 150 20.36 26.34 -18.49
C ASN A 150 20.28 26.26 -20.02
N ASN A 151 19.06 26.16 -20.56
CA ASN A 151 18.90 25.94 -21.99
C ASN A 151 19.34 27.15 -22.80
N SER A 152 18.84 28.33 -22.43
CA SER A 152 19.17 29.56 -23.13
C SER A 152 20.41 30.24 -22.57
N GLY A 153 21.02 29.68 -21.52
CA GLY A 153 22.21 30.24 -20.95
C GLY A 153 23.42 29.38 -21.19
N TYR A 154 23.84 28.63 -20.16
CA TYR A 154 25.10 27.90 -20.25
C TYR A 154 25.09 26.90 -21.41
N TRP A 155 24.01 26.12 -21.52
CA TRP A 155 23.92 25.16 -22.60
C TRP A 155 24.02 25.85 -23.96
N ASN A 156 23.47 27.05 -24.06
CA ASN A 156 23.55 27.81 -25.31
C ASN A 156 25.00 28.11 -25.67
N ARG A 157 25.78 28.61 -24.71
CA ARG A 157 27.17 28.94 -24.98
C ARG A 157 27.95 27.73 -25.47
N ILE A 158 27.61 26.53 -24.98
CA ILE A 158 28.23 25.32 -25.51
C ILE A 158 27.87 25.15 -26.97
N GLU A 159 26.60 25.36 -27.32
CA GLU A 159 26.16 25.20 -28.70
C GLU A 159 26.72 26.30 -29.58
N MET A 160 26.86 27.51 -29.05
CA MET A 160 27.63 28.54 -29.75
C MET A 160 29.06 28.07 -29.97
N TYR A 161 29.73 27.65 -28.90
CA TYR A 161 31.10 27.18 -29.01
C TYR A 161 31.22 26.01 -29.97
N CYS A 162 30.18 25.18 -30.07
CA CYS A 162 30.15 24.14 -31.09
C CYS A 162 30.18 24.75 -32.49
N ARG A 163 29.33 25.76 -32.72
CA ARG A 163 29.35 26.47 -33.99
C ARG A 163 30.60 27.31 -34.17
N GLU A 164 31.27 27.69 -33.07
CA GLU A 164 32.53 28.42 -33.17
C GLU A 164 33.68 27.50 -33.58
N LEU A 165 33.61 26.22 -33.20
CA LEU A 165 34.62 25.27 -33.63
C LEU A 165 34.66 25.13 -35.14
N THR A 166 33.60 25.53 -35.84
CA THR A 166 33.58 25.44 -37.29
C THR A 166 34.63 26.32 -37.93
N GLU A 167 34.97 27.45 -37.30
CA GLU A 167 36.02 28.31 -37.82
C GLU A 167 37.36 27.59 -37.81
N ARG A 168 37.71 27.01 -36.67
CA ARG A 168 38.99 26.32 -36.53
C ARG A 168 38.98 24.90 -37.09
N PHE A 169 37.81 24.36 -37.43
CA PHE A 169 37.71 22.98 -37.88
C PHE A 169 36.80 22.87 -39.10
N GLU A 170 37.17 21.97 -40.01
CA GLU A 170 36.34 21.70 -41.17
C GLU A 170 35.03 21.04 -40.77
N ASP A 171 35.13 19.84 -40.20
CA ASP A 171 33.98 19.04 -39.82
C ASP A 171 33.96 18.86 -38.31
N VAL A 172 32.75 18.86 -37.74
CA VAL A 172 32.55 18.65 -36.31
C VAL A 172 31.37 17.71 -36.14
N TRP A 173 31.51 16.76 -35.22
CA TRP A 173 30.47 15.79 -34.90
C TRP A 173 30.10 15.91 -33.43
N VAL A 174 28.84 16.22 -33.17
CA VAL A 174 28.33 16.44 -31.82
C VAL A 174 27.30 15.36 -31.52
N VAL A 175 27.39 14.75 -30.35
CA VAL A 175 26.43 13.76 -29.89
C VAL A 175 25.99 14.18 -28.49
N SER A 176 24.80 14.77 -28.40
CA SER A 176 24.25 15.25 -27.14
C SER A 176 23.02 14.44 -26.77
N GLY A 177 22.76 14.36 -25.46
CA GLY A 177 21.63 13.62 -24.97
C GLY A 177 21.41 13.83 -23.48
N PRO A 178 20.42 13.11 -22.91
CA PRO A 178 20.10 13.30 -21.50
C PRO A 178 20.75 12.27 -20.60
N LEU A 179 20.70 12.50 -19.29
CA LEU A 179 21.19 11.56 -18.30
C LEU A 179 20.35 11.68 -17.04
N THR A 180 20.33 10.59 -16.25
CA THR A 180 19.68 10.55 -14.94
C THR A 180 20.65 9.86 -14.00
N LEU A 181 21.68 10.60 -13.58
CA LEU A 181 22.79 9.98 -12.87
C LEU A 181 22.44 9.72 -11.41
N PRO A 182 23.09 8.74 -10.78
CA PRO A 182 22.82 8.46 -9.36
C PRO A 182 23.40 9.54 -8.45
N GLN A 183 22.90 9.54 -7.22
CA GLN A 183 23.39 10.43 -6.16
C GLN A 183 23.49 9.64 -4.87
N THR A 184 24.61 9.78 -4.17
CA THR A 184 24.84 9.03 -2.94
C THR A 184 24.29 9.81 -1.74
N ARG A 185 23.55 9.12 -0.89
CA ARG A 185 23.03 9.72 0.33
C ARG A 185 24.12 9.69 1.41
N GLY A 186 23.75 10.08 2.63
CA GLY A 186 24.71 10.02 3.72
C GLY A 186 24.95 8.61 4.22
N ASP A 187 23.89 7.79 4.23
CA ASP A 187 24.01 6.44 4.76
C ASP A 187 24.76 5.50 3.84
N GLY A 188 24.84 5.81 2.55
CA GLY A 188 25.57 4.98 1.59
C GLY A 188 24.73 4.46 0.44
N LYS A 189 23.41 4.61 0.47
CA LYS A 189 22.61 4.24 -0.68
C LYS A 189 22.90 5.19 -1.84
N LYS A 190 23.02 4.61 -3.04
CA LYS A 190 23.06 5.38 -4.26
C LYS A 190 21.68 5.33 -4.90
N ILE A 191 21.19 6.47 -5.35
CA ILE A 191 19.79 6.59 -5.78
C ILE A 191 19.71 7.42 -7.04
N VAL A 192 18.98 6.92 -8.02
CA VAL A 192 18.59 7.67 -9.21
C VAL A 192 17.20 8.22 -8.94
N SER A 193 17.08 9.54 -8.86
CA SER A 193 15.81 10.20 -8.54
C SER A 193 15.62 11.34 -9.54
N TYR A 194 14.86 11.07 -10.60
CA TYR A 194 14.53 12.08 -11.59
C TYR A 194 13.03 12.33 -11.60
N GLN A 195 12.66 13.47 -12.18
CA GLN A 195 11.28 13.92 -12.18
C GLN A 195 10.59 13.51 -13.47
N VAL A 196 9.26 13.38 -13.39
CA VAL A 196 8.43 13.00 -14.52
C VAL A 196 7.30 14.01 -14.64
N ILE A 197 6.98 14.39 -15.87
CA ILE A 197 6.05 15.49 -16.13
C ILE A 197 5.07 15.10 -17.22
N GLY A 198 3.85 15.63 -17.11
CA GLY A 198 2.85 15.49 -18.16
C GLY A 198 2.02 14.23 -18.03
N GLU A 199 0.89 14.24 -18.75
CA GLU A 199 0.05 13.04 -18.83
C GLU A 199 0.86 11.84 -19.27
N ASP A 200 1.76 12.04 -20.23
CA ASP A 200 2.55 10.97 -20.82
C ASP A 200 3.82 10.66 -20.05
N ASN A 201 4.15 11.45 -19.03
CA ASN A 201 5.27 11.14 -18.15
C ASN A 201 6.60 11.22 -18.88
N VAL A 202 6.98 12.42 -19.31
CA VAL A 202 8.27 12.63 -19.96
C VAL A 202 9.33 12.85 -18.90
N ALA A 203 10.43 12.09 -18.99
CA ALA A 203 11.47 12.14 -17.97
C ALA A 203 12.25 13.44 -18.04
N VAL A 204 12.61 13.96 -16.87
CA VAL A 204 13.36 15.22 -16.75
C VAL A 204 14.78 14.87 -16.32
N PRO A 205 15.78 14.99 -17.21
CA PRO A 205 17.12 14.52 -16.86
C PRO A 205 17.81 15.44 -15.86
N SER A 206 18.59 14.83 -14.97
CA SER A 206 19.41 15.60 -14.04
C SER A 206 20.56 16.27 -14.77
N HIS A 207 21.15 15.60 -15.75
CA HIS A 207 22.27 16.15 -16.50
C HIS A 207 22.04 15.95 -18.00
N LEU A 208 22.73 16.76 -18.78
CA LEU A 208 22.83 16.59 -20.21
C LEU A 208 24.29 16.41 -20.58
N TYR A 209 24.55 15.57 -21.58
CA TYR A 209 25.91 15.30 -22.01
C TYR A 209 26.06 15.69 -23.48
N LYS A 210 27.31 15.85 -23.89
CA LYS A 210 27.61 16.29 -25.25
C LYS A 210 29.01 15.85 -25.60
N VAL A 211 29.14 14.99 -26.59
CA VAL A 211 30.43 14.52 -27.09
C VAL A 211 30.79 15.34 -28.32
N ILE A 212 31.97 15.96 -28.30
CA ILE A 212 32.47 16.73 -29.43
C ILE A 212 33.54 15.90 -30.13
N LEU A 213 33.46 15.83 -31.45
CA LEU A 213 34.47 15.17 -32.25
C LEU A 213 34.73 16.00 -33.50
N ALA A 214 35.98 16.42 -33.68
CA ALA A 214 36.33 17.42 -34.67
C ALA A 214 37.47 16.94 -35.55
N ARG A 215 37.39 17.28 -36.84
CA ARG A 215 38.46 17.03 -37.79
C ARG A 215 38.89 18.36 -38.42
N ARG A 216 40.19 18.59 -38.51
CA ARG A 216 40.70 19.85 -39.04
C ARG A 216 40.21 20.07 -40.46
N SER A 217 40.47 19.12 -41.35
CA SER A 217 40.07 19.24 -42.74
C SER A 217 40.14 17.89 -43.42
N SER A 218 39.30 17.72 -44.44
CA SER A 218 39.42 16.56 -45.32
C SER A 218 40.82 16.45 -45.92
N VAL A 219 41.58 17.54 -45.91
CA VAL A 219 42.93 17.55 -46.47
C VAL A 219 43.97 17.21 -45.41
N SER A 220 43.90 17.86 -44.25
CA SER A 220 44.96 17.78 -43.25
C SER A 220 45.03 16.37 -42.68
N THR A 221 45.95 16.19 -41.73
CA THR A 221 46.19 14.90 -41.09
C THR A 221 46.20 14.99 -39.57
N GLU A 222 46.07 16.18 -38.99
CA GLU A 222 46.17 16.33 -37.55
C GLU A 222 45.24 15.33 -36.86
N PRO A 223 45.75 14.53 -35.91
CA PRO A 223 44.86 13.59 -35.21
C PRO A 223 43.58 14.27 -34.73
N LEU A 224 42.53 13.47 -34.62
CA LEU A 224 41.20 14.00 -34.30
C LEU A 224 41.15 14.53 -32.87
N ALA A 225 40.27 15.50 -32.64
CA ALA A 225 40.06 16.10 -31.34
C ALA A 225 38.71 15.66 -30.79
N LEU A 226 38.73 15.04 -29.61
CA LEU A 226 37.52 14.51 -29.01
C LEU A 226 37.43 14.90 -27.55
N GLY A 227 36.24 15.29 -27.13
CA GLY A 227 35.99 15.61 -25.72
C GLY A 227 34.57 15.27 -25.37
N ALA A 228 34.36 14.94 -24.09
CA ALA A 228 33.06 14.55 -23.58
C ALA A 228 32.75 15.38 -22.35
N PHE A 229 31.52 15.90 -22.28
CA PHE A 229 31.12 16.80 -21.21
C PHE A 229 29.72 16.45 -20.73
N VAL A 230 29.54 16.49 -19.41
CA VAL A 230 28.23 16.29 -18.79
C VAL A 230 27.92 17.53 -17.96
N VAL A 231 26.75 18.12 -18.20
CA VAL A 231 26.36 19.39 -17.61
C VAL A 231 25.11 19.15 -16.76
N PRO A 232 25.10 19.54 -15.49
CA PRO A 232 23.85 19.47 -14.73
C PRO A 232 22.74 20.26 -15.40
N ASN A 233 21.50 19.84 -15.15
CA ASN A 233 20.35 20.49 -15.76
C ASN A 233 19.89 21.65 -14.88
N GLU A 234 20.82 22.24 -14.13
CA GLU A 234 20.53 23.41 -13.32
C GLU A 234 21.02 24.68 -14.02
N ALA A 235 20.56 25.82 -13.53
CA ALA A 235 21.09 27.09 -14.00
C ALA A 235 22.55 27.22 -13.61
N ILE A 236 23.40 27.55 -14.58
CA ILE A 236 24.83 27.65 -14.39
C ILE A 236 25.28 29.07 -14.69
N GLY A 237 26.13 29.62 -13.82
CA GLY A 237 26.68 30.93 -14.04
C GLY A 237 27.80 30.91 -15.06
N PHE A 238 28.34 32.11 -15.32
CA PHE A 238 29.53 32.21 -16.15
C PHE A 238 30.80 31.87 -15.39
N GLN A 239 30.73 31.72 -14.08
CA GLN A 239 31.92 31.41 -13.29
C GLN A 239 32.55 30.10 -13.70
N PRO A 240 31.82 28.99 -13.81
CA PRO A 240 32.45 27.73 -14.23
C PRO A 240 32.84 27.76 -15.71
N GLN A 241 33.94 27.08 -16.01
CA GLN A 241 34.40 26.92 -17.38
C GLN A 241 34.18 25.49 -17.85
N LEU A 242 34.21 25.32 -19.18
CA LEU A 242 33.76 24.06 -19.77
C LEU A 242 34.64 22.88 -19.38
N THR A 243 35.92 23.12 -19.08
CA THR A 243 36.79 22.02 -18.68
C THR A 243 36.37 21.41 -17.35
N GLU A 244 35.60 22.14 -16.54
CA GLU A 244 35.15 21.60 -15.27
C GLU A 244 34.12 20.48 -15.46
N PHE A 245 33.21 20.66 -16.41
CA PHE A 245 32.15 19.69 -16.69
C PHE A 245 32.60 18.60 -17.65
N GLN A 246 33.90 18.40 -17.82
CA GLN A 246 34.42 17.43 -18.76
C GLN A 246 34.71 16.12 -18.04
N VAL A 247 34.28 15.00 -18.63
CA VAL A 247 34.53 13.67 -18.11
C VAL A 247 35.07 12.81 -19.23
N SER A 248 35.70 11.70 -18.85
CA SER A 248 36.24 10.78 -19.83
C SER A 248 35.12 10.18 -20.67
N LEU A 249 35.46 9.86 -21.93
CA LEU A 249 34.50 9.19 -22.80
C LEU A 249 34.13 7.83 -22.24
N GLN A 250 35.13 7.06 -21.80
CA GLN A 250 34.87 5.78 -21.14
C GLN A 250 33.92 5.95 -19.96
N ASP A 251 34.19 6.95 -19.12
CA ASP A 251 33.29 7.24 -18.01
C ASP A 251 31.89 7.58 -18.53
N LEU A 252 31.80 8.53 -19.45
CA LEU A 252 30.51 8.88 -20.02
C LEU A 252 29.83 7.67 -20.62
N GLU A 253 30.60 6.74 -21.19
CA GLU A 253 30.01 5.56 -21.82
C GLU A 253 29.41 4.63 -20.77
N LYS A 254 30.11 4.41 -19.66
CA LYS A 254 29.58 3.54 -18.60
C LYS A 254 28.33 4.15 -17.97
N LEU A 255 28.33 5.46 -17.74
CA LEU A 255 27.18 6.10 -17.13
C LEU A 255 25.96 6.07 -18.05
N SER A 256 26.17 6.30 -19.35
CA SER A 256 25.07 6.37 -20.29
C SER A 256 24.63 5.00 -20.79
N GLY A 257 25.51 4.01 -20.75
CA GLY A 257 25.22 2.74 -21.38
C GLY A 257 25.38 2.75 -22.88
N LEU A 258 26.19 3.67 -23.41
CA LEU A 258 26.38 3.84 -24.84
C LEU A 258 27.86 3.69 -25.19
N VAL A 259 28.11 3.37 -26.45
CA VAL A 259 29.45 3.37 -27.03
C VAL A 259 29.42 4.37 -28.18
N PHE A 260 30.14 5.47 -28.02
CA PHE A 260 30.09 6.56 -28.98
C PHE A 260 31.12 6.35 -30.09
N PHE A 261 30.71 6.66 -31.32
CA PHE A 261 31.56 6.53 -32.50
C PHE A 261 32.29 5.19 -32.46
N PRO A 262 31.60 4.07 -32.72
CA PRO A 262 32.27 2.77 -32.64
C PRO A 262 33.40 2.61 -33.64
N HIS A 263 33.22 3.14 -34.86
CA HIS A 263 34.24 2.98 -35.89
C HIS A 263 35.55 3.64 -35.48
N LEU A 264 35.48 4.77 -34.78
CA LEU A 264 36.68 5.49 -34.38
C LEU A 264 37.59 4.60 -33.56
N ASP A 265 38.81 4.38 -34.06
CA ASP A 265 39.78 3.56 -33.36
C ASP A 265 40.29 4.30 -32.12
N ARG A 266 40.25 3.62 -30.98
CA ARG A 266 40.77 4.20 -29.74
C ARG A 266 42.29 4.18 -29.71
N THR A 267 42.92 3.24 -30.43
CA THR A 267 44.37 3.21 -30.49
C THR A 267 44.92 4.38 -31.29
N SER A 268 44.14 4.90 -32.23
CA SER A 268 44.60 6.00 -33.07
C SER A 268 44.94 7.22 -32.21
N ASP A 269 45.72 8.12 -32.80
CA ASP A 269 46.06 9.39 -32.16
C ASP A 269 44.79 10.23 -32.07
N ILE A 270 44.22 10.31 -30.87
CA ILE A 270 43.07 11.16 -30.59
C ILE A 270 43.51 12.21 -29.59
N ARG A 271 42.97 13.42 -29.73
CA ARG A 271 43.48 14.60 -29.05
C ARG A 271 42.42 15.19 -28.14
N ASN A 272 42.80 15.54 -26.92
CA ASN A 272 41.89 16.21 -26.00
C ASN A 272 41.51 17.57 -26.58
N ILE A 273 40.26 17.72 -27.02
CA ILE A 273 39.84 18.94 -27.71
C ILE A 273 40.02 20.18 -26.84
N CYS A 274 40.16 20.03 -25.53
CA CYS A 274 40.43 21.16 -24.66
C CYS A 274 41.91 21.45 -24.51
N SER A 275 42.76 20.74 -25.26
CA SER A 275 44.18 21.07 -25.36
C SER A 275 44.55 21.58 -26.74
N VAL A 276 43.97 21.01 -27.80
CA VAL A 276 44.17 21.51 -29.15
C VAL A 276 43.36 22.77 -29.41
N ASP A 277 42.26 22.99 -28.68
CA ASP A 277 41.40 24.15 -28.85
C ASP A 277 41.21 24.82 -27.50
N THR A 278 40.44 25.91 -27.50
CA THR A 278 40.30 26.71 -26.29
C THR A 278 39.40 26.02 -25.27
N CYS A 279 38.28 25.44 -25.71
CA CYS A 279 37.20 25.07 -24.81
C CYS A 279 36.74 26.29 -24.01
N LYS A 280 36.67 27.44 -24.69
CA LYS A 280 36.34 28.71 -24.06
C LYS A 280 34.95 29.14 -24.48
N LEU A 281 34.07 29.33 -23.50
CA LEU A 281 32.73 29.83 -23.77
C LEU A 281 32.73 31.35 -23.77
N LEU A 282 31.59 31.94 -24.14
CA LEU A 282 31.43 33.38 -24.08
C LEU A 282 31.29 33.82 -22.63
N ASP A 283 32.16 34.74 -22.20
CA ASP A 283 32.02 35.32 -20.87
C ASP A 283 30.81 36.23 -20.83
N PHE A 284 30.54 36.78 -19.64
CA PHE A 284 29.32 37.58 -19.47
C PHE A 284 29.30 38.75 -20.44
N GLN A 285 30.39 39.48 -20.56
CA GLN A 285 30.42 40.67 -21.41
C GLN A 285 30.10 40.32 -22.85
N GLU A 286 30.92 39.44 -23.45
CA GLU A 286 30.67 39.01 -24.82
C GLU A 286 29.24 38.53 -25.01
N PHE A 287 28.77 37.68 -24.09
CA PHE A 287 27.43 37.12 -24.21
C PHE A 287 26.38 38.21 -24.10
N THR A 288 26.47 39.04 -23.06
CA THR A 288 25.50 40.13 -22.90
C THR A 288 25.56 41.08 -24.10
N LEU A 289 26.75 41.31 -24.65
CA LEU A 289 26.87 42.14 -25.84
C LEU A 289 26.12 41.53 -27.01
N TYR A 290 26.23 40.20 -27.18
CA TYR A 290 25.59 39.54 -28.31
C TYR A 290 24.07 39.63 -28.23
N LEU A 291 23.50 39.27 -27.08
CA LEU A 291 22.04 39.35 -26.93
C LEU A 291 21.54 40.77 -27.13
N SER A 292 22.22 41.74 -26.50
CA SER A 292 21.85 43.14 -26.68
C SER A 292 21.87 43.51 -28.15
N THR A 293 22.92 43.13 -28.87
CA THR A 293 22.99 43.37 -30.31
C THR A 293 21.76 42.80 -31.01
N ARG A 294 21.27 41.65 -30.54
CA ARG A 294 20.12 41.00 -31.18
C ARG A 294 18.82 41.70 -30.81
N LYS A 295 18.57 41.88 -29.51
CA LYS A 295 17.28 42.40 -29.07
C LYS A 295 16.97 43.78 -29.64
N ILE A 296 17.96 44.47 -30.20
CA ILE A 296 17.74 45.80 -30.79
C ILE A 296 16.76 45.68 -31.95
N GLU A 297 17.19 45.04 -33.04
CA GLU A 297 16.32 44.88 -34.19
C GLU A 297 14.95 44.36 -33.80
N GLY A 298 14.90 43.46 -32.81
CA GLY A 298 13.62 42.94 -32.37
C GLY A 298 12.77 43.99 -31.67
N ALA A 299 13.38 44.75 -30.75
CA ALA A 299 12.65 45.77 -30.02
C ALA A 299 11.96 46.72 -30.98
N ARG A 300 10.84 47.29 -30.53
CA ARG A 300 10.00 48.14 -31.36
C ARG A 300 9.57 49.38 -30.56
N SER A 301 10.56 50.10 -30.05
CA SER A 301 10.30 51.35 -29.32
C SER A 301 11.64 51.96 -28.93
N VAL A 302 11.59 53.24 -28.56
CA VAL A 302 12.79 53.93 -28.10
C VAL A 302 13.15 53.50 -26.68
N LEU A 303 12.14 53.33 -25.83
CA LEU A 303 12.39 52.93 -24.44
C LEU A 303 13.24 51.67 -24.37
N ARG A 304 12.81 50.62 -25.06
CA ARG A 304 13.54 49.37 -25.05
C ARG A 304 14.97 49.57 -25.55
N LEU A 305 15.12 50.13 -26.75
CA LEU A 305 16.45 50.38 -27.29
C LEU A 305 17.27 51.27 -26.36
N GLU A 306 16.63 52.27 -25.76
CA GLU A 306 17.33 53.13 -24.81
C GLU A 306 17.68 52.38 -23.53
N LYS A 307 16.92 51.34 -23.20
CA LYS A 307 17.21 50.53 -22.02
C LYS A 307 18.27 49.47 -22.29
N ILE A 308 18.31 48.92 -23.50
CA ILE A 308 19.30 47.89 -23.84
C ILE A 308 20.70 48.39 -23.49
N MET A 309 21.06 49.58 -23.99
CA MET A 309 22.36 50.15 -23.65
C MET A 309 22.46 50.51 -22.17
N GLU A 310 21.34 50.91 -21.56
CA GLU A 310 21.35 51.18 -20.12
C GLU A 310 21.75 49.95 -19.33
N ASN A 311 21.49 48.76 -19.88
CA ASN A 311 21.88 47.53 -19.20
C ASN A 311 23.38 47.26 -19.31
N LEU A 312 23.98 47.58 -20.47
CA LEU A 312 25.41 47.34 -20.65
C LEU A 312 26.23 48.24 -19.73
N LYS A 313 25.90 49.54 -19.70
CA LYS A 313 26.61 50.45 -18.81
C LYS A 313 26.19 50.27 -17.35
N ASN A 314 25.00 49.73 -17.10
CA ASN A 314 24.62 49.38 -15.74
C ASN A 314 25.25 48.06 -15.32
N ALA A 315 25.58 47.19 -16.27
CA ALA A 315 26.28 45.94 -16.01
C ALA A 315 27.78 46.08 -16.20
N GLU A 316 28.28 47.28 -16.50
CA GLU A 316 29.71 47.54 -16.64
C GLU A 316 30.27 46.84 -17.88
N ILE A 317 29.63 47.08 -19.02
CA ILE A 317 30.05 46.55 -20.31
C ILE A 317 30.38 47.71 -21.23
N GLU A 318 31.45 47.56 -22.01
CA GLU A 318 31.89 48.60 -22.93
C GLU A 318 31.33 48.33 -24.31
N PRO A 319 30.38 49.13 -24.81
CA PRO A 319 29.86 48.90 -26.16
C PRO A 319 30.95 49.03 -27.22
N ASP A 320 30.96 48.09 -28.15
CA ASP A 320 31.93 48.10 -29.25
C ASP A 320 31.37 48.86 -30.44
N ASP A 321 32.28 49.23 -31.34
CA ASP A 321 31.90 50.07 -32.48
C ASP A 321 30.86 49.40 -33.36
N TYR A 322 30.99 48.08 -33.55
CA TYR A 322 30.00 47.35 -34.34
C TYR A 322 28.58 47.58 -33.81
N PHE A 323 28.42 47.55 -32.48
CA PHE A 323 27.12 47.79 -31.88
C PHE A 323 26.72 49.25 -31.98
N MET A 324 27.68 50.17 -31.91
CA MET A 324 27.37 51.59 -32.04
C MET A 324 26.66 51.87 -33.37
N SER A 325 26.93 51.08 -34.40
CA SER A 325 26.29 51.27 -35.70
C SER A 325 24.84 50.79 -35.67
N ARG A 326 24.62 49.51 -35.32
CA ARG A 326 23.27 48.99 -35.24
C ARG A 326 22.42 49.79 -34.27
N TYR A 327 23.05 50.41 -33.27
CA TYR A 327 22.32 51.24 -32.31
C TYR A 327 21.98 52.60 -32.90
N GLU A 328 22.98 53.28 -33.47
CA GLU A 328 22.75 54.61 -34.03
C GLU A 328 21.90 54.55 -35.28
N LYS A 329 21.99 53.48 -36.06
CA LYS A 329 21.11 53.32 -37.21
C LYS A 329 19.66 53.10 -36.77
N LYS A 330 19.46 52.25 -35.76
CA LYS A 330 18.11 52.04 -35.24
C LYS A 330 17.60 53.29 -34.52
N LEU A 331 18.50 54.10 -33.97
CA LEU A 331 18.10 55.35 -33.34
C LEU A 331 17.43 56.27 -34.35
N GLU A 332 18.04 56.45 -35.52
CA GLU A 332 17.44 57.25 -36.58
C GLU A 332 16.00 56.81 -36.83
N GLU A 333 15.73 55.51 -36.79
CA GLU A 333 14.41 54.98 -37.07
C GLU A 333 13.53 54.99 -35.83
N GLU B 38 23.84 12.81 -48.09
CA GLU B 38 23.57 13.62 -46.91
C GLU B 38 23.92 12.86 -45.64
N LYS B 39 23.59 11.58 -45.61
CA LYS B 39 23.77 10.76 -44.41
C LYS B 39 25.14 10.12 -44.32
N ALA B 40 25.76 9.82 -45.46
CA ALA B 40 27.12 9.27 -45.44
C ALA B 40 28.05 10.17 -44.64
N VAL B 41 27.81 11.48 -44.65
CA VAL B 41 28.61 12.39 -43.84
C VAL B 41 28.22 12.28 -42.37
N LEU B 42 26.92 12.15 -42.09
CA LEU B 42 26.46 12.01 -40.72
C LEU B 42 26.93 10.69 -40.11
N GLU B 43 26.96 9.63 -40.91
CA GLU B 43 27.27 8.28 -40.44
C GLU B 43 28.72 7.89 -40.70
N GLN B 44 29.62 8.87 -40.82
CA GLN B 44 31.00 8.53 -41.15
C GLN B 44 31.65 7.71 -40.03
N PHE B 45 31.55 8.19 -38.79
CA PHE B 45 32.13 7.50 -37.65
C PHE B 45 31.11 6.62 -36.93
N GLY B 46 30.03 6.25 -37.59
CA GLY B 46 29.03 5.36 -37.01
C GLY B 46 28.14 6.05 -36.00
N PHE B 47 27.07 5.30 -35.59
CA PHE B 47 26.12 5.79 -34.60
C PHE B 47 26.42 5.21 -33.23
N PRO B 48 26.07 5.90 -32.14
CA PRO B 48 26.25 5.30 -30.82
C PRO B 48 25.47 4.00 -30.67
N LEU B 49 26.12 3.01 -30.09
CA LEU B 49 25.53 1.68 -29.96
C LEU B 49 24.77 1.57 -28.65
N THR B 50 23.51 1.15 -28.73
CA THR B 50 22.63 1.03 -27.58
C THR B 50 22.73 -0.32 -26.88
N GLY B 51 23.27 -1.34 -27.54
CA GLY B 51 23.24 -2.67 -26.98
C GLY B 51 21.84 -3.24 -26.88
N THR B 52 20.93 -2.77 -27.73
CA THR B 52 19.51 -3.07 -27.64
C THR B 52 19.12 -4.36 -28.32
N GLU B 53 19.91 -4.84 -29.29
CA GLU B 53 19.51 -5.98 -30.09
C GLU B 53 19.19 -7.19 -29.22
N ALA B 54 18.28 -8.02 -29.72
CA ALA B 54 17.87 -9.22 -29.00
C ALA B 54 19.02 -10.23 -28.98
N ARG B 55 18.91 -11.17 -28.04
CA ARG B 55 19.91 -12.22 -27.87
C ARG B 55 19.17 -13.49 -27.45
N CYS B 56 19.13 -14.48 -28.33
CA CYS B 56 18.40 -15.71 -28.07
C CYS B 56 19.30 -16.74 -27.38
N TYR B 57 18.70 -17.55 -26.53
CA TYR B 57 19.38 -18.61 -25.82
C TYR B 57 18.58 -19.90 -25.99
N THR B 58 19.09 -20.98 -25.39
CA THR B 58 18.48 -22.29 -25.60
C THR B 58 16.98 -22.25 -25.42
N ASN B 59 16.48 -21.47 -24.44
CA ASN B 59 15.05 -21.43 -24.18
C ASN B 59 14.59 -20.07 -23.66
N HIS B 60 15.27 -19.00 -24.01
CA HIS B 60 14.77 -17.67 -23.66
C HIS B 60 15.55 -16.61 -24.43
N ALA B 61 14.85 -15.53 -24.77
CA ALA B 61 15.43 -14.37 -25.42
C ALA B 61 15.28 -13.16 -24.50
N LEU B 62 16.04 -12.12 -24.78
CA LEU B 62 16.02 -10.93 -23.93
C LEU B 62 16.63 -9.75 -24.66
N SER B 63 16.26 -8.55 -24.20
CA SER B 63 16.94 -7.31 -24.53
C SER B 63 17.59 -6.76 -23.27
N TYR B 64 18.83 -6.30 -23.38
CA TYR B 64 19.62 -5.91 -22.23
C TYR B 64 19.76 -4.40 -22.15
N ASP B 65 19.65 -3.86 -20.93
CA ASP B 65 19.82 -2.43 -20.68
C ASP B 65 21.23 -2.22 -20.15
N GLN B 66 22.10 -1.71 -21.02
CA GLN B 66 23.49 -1.47 -20.63
C GLN B 66 23.61 -0.36 -19.58
N ALA B 67 22.65 0.57 -19.56
CA ALA B 67 22.68 1.63 -18.56
C ALA B 67 22.32 1.10 -17.18
N LYS B 68 21.30 0.25 -17.10
CA LYS B 68 20.83 -0.27 -15.82
C LYS B 68 21.46 -1.60 -15.45
N ARG B 69 22.18 -2.25 -16.37
CA ARG B 69 22.82 -3.54 -16.11
C ARG B 69 21.77 -4.61 -15.76
N VAL B 70 20.63 -4.56 -16.43
CA VAL B 70 19.55 -5.53 -16.23
C VAL B 70 18.82 -5.74 -17.56
N PRO B 71 17.99 -6.77 -17.68
CA PRO B 71 17.18 -6.92 -18.88
C PRO B 71 16.16 -5.79 -19.01
N ARG B 72 15.78 -5.51 -20.25
CA ARG B 72 14.59 -4.73 -20.54
C ARG B 72 13.36 -5.63 -20.60
N TRP B 73 13.48 -6.78 -21.28
CA TRP B 73 12.45 -7.79 -21.28
C TRP B 73 13.11 -9.15 -21.47
N VAL B 74 12.44 -10.19 -20.98
CA VAL B 74 12.88 -11.57 -21.16
C VAL B 74 11.66 -12.40 -21.54
N LEU B 75 11.77 -13.11 -22.67
CA LEU B 75 10.69 -13.93 -23.19
C LEU B 75 11.05 -15.40 -23.08
N GLU B 76 10.07 -16.22 -22.74
CA GLU B 76 10.28 -17.65 -22.61
C GLU B 76 9.03 -18.40 -23.09
N HIS B 77 9.22 -19.67 -23.42
CA HIS B 77 8.13 -20.56 -23.79
C HIS B 77 8.16 -21.77 -22.87
N ILE B 78 6.98 -22.23 -22.49
CA ILE B 78 6.83 -23.33 -21.56
C ILE B 78 5.86 -24.36 -22.14
N SER B 79 6.11 -25.62 -21.84
CA SER B 79 5.23 -26.71 -22.23
C SER B 79 5.31 -27.80 -21.17
N LYS B 80 4.38 -28.76 -21.25
CA LYS B 80 4.37 -29.86 -20.29
C LYS B 80 5.71 -30.60 -20.28
N SER B 81 6.39 -30.64 -21.43
CA SER B 81 7.63 -31.39 -21.57
C SER B 81 8.85 -30.58 -21.13
N LYS B 82 8.79 -29.25 -21.20
CA LYS B 82 9.95 -28.44 -20.83
C LYS B 82 10.15 -28.42 -19.32
N ILE B 83 9.07 -28.51 -18.54
CA ILE B 83 9.17 -28.44 -17.09
C ILE B 83 9.43 -29.81 -16.50
N MET B 84 9.75 -30.79 -17.35
CA MET B 84 10.08 -32.14 -16.93
C MET B 84 11.50 -32.46 -17.35
N GLY B 85 12.27 -33.03 -16.44
CA GLY B 85 13.64 -33.37 -16.73
C GLY B 85 14.43 -33.53 -15.44
N ASP B 86 15.72 -33.79 -15.62
CA ASP B 86 16.62 -34.05 -14.50
C ASP B 86 17.68 -32.95 -14.35
N ALA B 87 17.34 -31.72 -14.77
CA ALA B 87 18.24 -30.59 -14.56
C ALA B 87 18.08 -30.04 -13.15
N ASP B 88 19.21 -29.72 -12.52
CA ASP B 88 19.25 -29.36 -11.12
C ASP B 88 19.74 -27.92 -10.98
N ARG B 89 19.04 -27.13 -10.16
CA ARG B 89 19.43 -25.73 -9.98
C ARG B 89 20.68 -25.61 -9.12
N LYS B 90 20.84 -26.49 -8.12
CA LYS B 90 22.01 -26.43 -7.25
C LYS B 90 23.30 -26.64 -8.03
N HIS B 91 23.23 -27.16 -9.25
CA HIS B 91 24.41 -27.38 -10.06
C HIS B 91 24.81 -26.12 -10.84
N CYS B 92 23.87 -25.24 -11.13
CA CYS B 92 24.17 -24.02 -11.85
C CYS B 92 24.80 -22.99 -10.91
N LYS B 93 25.35 -21.94 -11.51
CA LYS B 93 25.99 -20.87 -10.76
C LYS B 93 25.72 -19.54 -11.45
N PHE B 94 25.63 -18.48 -10.65
CA PHE B 94 25.43 -17.15 -11.19
C PHE B 94 26.75 -16.59 -11.69
N LYS B 95 26.69 -15.93 -12.84
CA LYS B 95 27.90 -15.41 -13.47
C LYS B 95 27.55 -14.51 -14.65
N PRO B 96 28.38 -13.53 -14.98
CA PRO B 96 28.01 -12.59 -16.04
C PRO B 96 27.85 -13.29 -17.37
N ASP B 97 26.92 -12.78 -18.16
CA ASP B 97 26.72 -13.29 -19.51
C ASP B 97 27.98 -13.06 -20.33
N PRO B 98 28.67 -14.11 -20.78
CA PRO B 98 29.90 -13.88 -21.55
C PRO B 98 29.66 -13.10 -22.83
N ASN B 99 28.44 -13.15 -23.37
CA ASN B 99 28.11 -12.44 -24.59
C ASN B 99 27.86 -10.96 -24.36
N ILE B 100 27.85 -10.49 -23.12
CA ILE B 100 27.65 -9.08 -22.78
C ILE B 100 29.04 -8.45 -22.60
N PRO B 101 29.30 -7.28 -23.18
CA PRO B 101 30.58 -6.62 -22.94
C PRO B 101 30.76 -6.32 -21.46
N PRO B 102 31.89 -6.74 -20.85
CA PRO B 102 32.04 -6.57 -19.40
C PRO B 102 31.89 -5.13 -18.94
N THR B 103 32.05 -4.17 -19.86
CA THR B 103 31.85 -2.77 -19.51
C THR B 103 30.47 -2.56 -18.90
N PHE B 104 29.42 -3.00 -19.61
CA PHE B 104 28.04 -2.84 -19.17
C PHE B 104 27.46 -4.13 -18.60
N SER B 105 28.29 -4.99 -18.04
CA SER B 105 27.85 -6.26 -17.48
C SER B 105 27.74 -6.13 -15.97
N ALA B 106 26.69 -6.72 -15.40
CA ALA B 106 26.61 -6.85 -13.96
C ALA B 106 27.52 -7.97 -13.48
N PHE B 107 27.81 -7.98 -12.18
CA PHE B 107 28.68 -8.98 -11.59
C PHE B 107 28.13 -9.37 -10.23
N ASN B 108 28.42 -10.62 -9.84
CA ASN B 108 27.99 -11.09 -8.53
C ASN B 108 28.48 -10.18 -7.42
N GLU B 109 29.62 -9.52 -7.61
CA GLU B 109 30.12 -8.59 -6.61
C GLU B 109 29.14 -7.45 -6.35
N ASP B 110 28.28 -7.13 -7.33
CA ASP B 110 27.31 -6.07 -7.14
C ASP B 110 26.14 -6.53 -6.27
N TYR B 111 25.72 -7.78 -6.42
CA TYR B 111 24.55 -8.27 -5.70
C TYR B 111 24.90 -8.69 -4.28
N VAL B 112 25.96 -9.48 -4.11
CA VAL B 112 26.28 -10.05 -2.81
C VAL B 112 26.46 -8.92 -1.78
N GLY B 113 25.90 -9.14 -0.59
CA GLY B 113 25.98 -8.17 0.48
C GLY B 113 25.15 -6.92 0.28
N SER B 114 24.53 -6.74 -0.88
CA SER B 114 23.75 -5.54 -1.15
C SER B 114 22.42 -5.50 -0.42
N GLY B 115 22.01 -6.60 0.20
CA GLY B 115 20.67 -6.71 0.74
C GLY B 115 19.61 -7.05 -0.29
N TRP B 116 19.99 -7.22 -1.56
CA TRP B 116 19.07 -7.61 -2.61
C TRP B 116 19.51 -8.96 -3.17
N SER B 117 18.52 -9.78 -3.53
CA SER B 117 18.79 -11.11 -4.07
C SER B 117 18.92 -11.04 -5.58
N ARG B 118 19.15 -12.20 -6.19
CA ARG B 118 19.34 -12.33 -7.64
C ARG B 118 18.14 -13.07 -8.20
N GLY B 119 17.29 -12.35 -8.92
CA GLY B 119 16.03 -12.89 -9.40
C GLY B 119 15.97 -13.09 -10.89
N ALA B 120 16.13 -14.33 -11.33
CA ALA B 120 16.02 -14.64 -12.75
C ALA B 120 14.63 -14.27 -13.26
N MET B 121 14.57 -13.61 -14.41
CA MET B 121 13.30 -13.28 -15.04
C MET B 121 12.71 -14.47 -15.79
N ALA B 122 13.54 -15.43 -16.17
CA ALA B 122 13.07 -16.69 -16.74
C ALA B 122 13.51 -17.80 -15.80
N PRO B 123 12.60 -18.43 -15.05
CA PRO B 123 13.04 -19.30 -13.95
C PRO B 123 13.82 -20.51 -14.45
N ALA B 124 14.78 -20.95 -13.63
CA ALA B 124 15.44 -22.22 -13.89
C ALA B 124 14.42 -23.35 -13.99
N GLY B 125 13.36 -23.29 -13.16
CA GLY B 125 12.35 -24.33 -13.12
C GLY B 125 11.58 -24.53 -14.41
N ASN B 126 11.74 -23.63 -15.38
CA ASN B 126 11.14 -23.80 -16.69
C ASN B 126 12.07 -24.52 -17.67
N ASN B 127 13.24 -24.95 -17.21
CA ASN B 127 14.24 -25.58 -18.07
C ASN B 127 14.74 -26.88 -17.45
N LYS B 128 13.82 -27.65 -16.87
CA LYS B 128 14.17 -28.97 -16.35
C LYS B 128 14.67 -29.88 -17.47
N PHE B 129 14.17 -29.68 -18.69
CA PHE B 129 14.51 -30.56 -19.81
C PHE B 129 15.95 -30.37 -20.26
N SER B 130 16.49 -29.15 -20.14
CA SER B 130 17.80 -28.81 -20.69
C SER B 130 18.66 -28.17 -19.61
N SER B 131 19.71 -28.87 -19.19
CA SER B 131 20.64 -28.28 -18.23
C SER B 131 21.34 -27.07 -18.81
N LYS B 132 21.47 -27.01 -20.13
CA LYS B 132 22.08 -25.84 -20.77
C LYS B 132 21.17 -24.62 -20.65
N ALA B 133 19.93 -24.74 -21.12
CA ALA B 133 18.98 -23.64 -20.99
C ALA B 133 18.92 -23.13 -19.55
N MET B 134 18.90 -24.06 -18.58
CA MET B 134 18.87 -23.67 -17.18
C MET B 134 20.13 -22.90 -16.79
N ALA B 135 21.29 -23.30 -17.33
CA ALA B 135 22.52 -22.58 -17.02
C ALA B 135 22.49 -21.17 -17.60
N GLU B 136 21.95 -21.02 -18.80
CA GLU B 136 21.87 -19.70 -19.43
C GLU B 136 20.93 -18.76 -18.69
N THR B 137 19.95 -19.30 -17.94
CA THR B 137 19.09 -18.47 -17.13
C THR B 137 19.76 -17.99 -15.85
N PHE B 138 20.98 -18.44 -15.58
CA PHE B 138 21.78 -17.93 -14.47
C PHE B 138 22.81 -16.91 -14.92
N TYR B 139 22.93 -16.68 -16.23
CA TYR B 139 23.69 -15.52 -16.70
C TYR B 139 23.06 -14.24 -16.16
N LEU B 140 23.89 -13.35 -15.63
CA LEU B 140 23.36 -12.16 -14.96
C LEU B 140 22.62 -11.23 -15.91
N SER B 141 22.74 -11.41 -17.23
CA SER B 141 21.86 -10.69 -18.13
C SER B 141 20.41 -11.12 -17.97
N ASN B 142 20.15 -12.24 -17.29
CA ASN B 142 18.80 -12.67 -16.97
C ASN B 142 18.32 -12.16 -15.62
N ILE B 143 19.23 -11.73 -14.75
CA ILE B 143 18.93 -11.47 -13.35
C ILE B 143 18.75 -9.98 -13.12
N VAL B 144 17.94 -9.64 -12.13
CA VAL B 144 17.84 -8.27 -11.61
C VAL B 144 17.92 -8.31 -10.08
N PRO B 145 18.15 -7.18 -9.42
CA PRO B 145 18.05 -7.16 -7.95
C PRO B 145 16.59 -7.29 -7.50
N GLN B 146 16.34 -8.24 -6.59
CA GLN B 146 14.99 -8.57 -6.18
C GLN B 146 14.94 -8.79 -4.67
N ASP B 147 13.81 -8.44 -4.08
CA ASP B 147 13.60 -8.71 -2.67
C ASP B 147 13.58 -10.21 -2.41
N PHE B 148 14.36 -10.64 -1.42
CA PHE B 148 14.48 -12.06 -1.11
C PHE B 148 13.12 -12.69 -0.88
N ASP B 149 12.34 -12.14 0.06
CA ASP B 149 11.03 -12.70 0.36
C ASP B 149 10.13 -12.70 -0.88
N ASN B 150 10.27 -11.68 -1.72
CA ASN B 150 9.50 -11.62 -2.96
C ASN B 150 9.96 -12.70 -3.94
N ASN B 151 11.29 -12.76 -4.18
CA ASN B 151 11.81 -13.73 -5.14
C ASN B 151 11.43 -15.14 -4.76
N SER B 152 11.46 -15.45 -3.46
CA SER B 152 11.07 -16.78 -2.99
C SER B 152 9.60 -16.90 -2.70
N GLY B 153 8.90 -15.78 -2.48
CA GLY B 153 7.52 -15.82 -2.06
C GLY B 153 6.52 -15.62 -3.18
N TYR B 154 5.95 -14.42 -3.25
CA TYR B 154 4.86 -14.17 -4.18
C TYR B 154 5.29 -14.37 -5.62
N TRP B 155 6.38 -13.70 -6.03
CA TRP B 155 6.86 -13.83 -7.40
C TRP B 155 7.07 -15.29 -7.78
N ASN B 156 7.71 -16.05 -6.89
CA ASN B 156 7.88 -17.48 -7.11
C ASN B 156 6.54 -18.13 -7.42
N ARG B 157 5.53 -17.84 -6.59
CA ARG B 157 4.21 -18.45 -6.78
C ARG B 157 3.58 -18.10 -8.12
N ILE B 158 3.98 -16.99 -8.74
CA ILE B 158 3.49 -16.70 -10.08
C ILE B 158 4.22 -17.57 -11.10
N GLU B 159 5.54 -17.71 -10.96
CA GLU B 159 6.27 -18.64 -11.79
C GLU B 159 5.64 -20.03 -11.73
N MET B 160 5.24 -20.45 -10.53
CA MET B 160 4.54 -21.73 -10.40
C MET B 160 3.24 -21.71 -11.17
N TYR B 161 2.45 -20.65 -11.03
CA TYR B 161 1.18 -20.58 -11.73
C TYR B 161 1.36 -20.69 -13.24
N CYS B 162 2.48 -20.19 -13.77
CA CYS B 162 2.75 -20.33 -15.18
C CYS B 162 2.95 -21.79 -15.57
N ARG B 163 3.85 -22.48 -14.86
CA ARG B 163 4.07 -23.90 -15.13
C ARG B 163 2.77 -24.70 -14.97
N GLU B 164 1.87 -24.25 -14.10
CA GLU B 164 0.58 -24.91 -13.97
C GLU B 164 -0.24 -24.77 -15.25
N LEU B 165 -0.17 -23.61 -15.90
CA LEU B 165 -0.93 -23.39 -17.11
C LEU B 165 -0.59 -24.39 -18.21
N THR B 166 0.55 -25.10 -18.09
CA THR B 166 0.87 -26.13 -19.07
C THR B 166 -0.02 -27.36 -18.91
N GLU B 167 -0.59 -27.57 -17.73
CA GLU B 167 -1.52 -28.68 -17.54
C GLU B 167 -2.83 -28.45 -18.28
N ARG B 168 -3.20 -27.18 -18.49
CA ARG B 168 -4.44 -26.84 -19.18
C ARG B 168 -4.22 -26.21 -20.55
N PHE B 169 -3.04 -25.68 -20.82
CA PHE B 169 -2.69 -25.15 -22.13
C PHE B 169 -1.48 -25.90 -22.67
N GLU B 170 -1.44 -26.08 -23.99
CA GLU B 170 -0.30 -26.75 -24.61
C GLU B 170 0.90 -25.83 -24.77
N ASP B 171 0.65 -24.52 -24.90
CA ASP B 171 1.72 -23.56 -25.11
C ASP B 171 1.50 -22.35 -24.21
N VAL B 172 2.58 -21.89 -23.58
CA VAL B 172 2.54 -20.76 -22.66
C VAL B 172 3.77 -19.90 -22.93
N TRP B 173 3.55 -18.69 -23.44
CA TRP B 173 4.60 -17.69 -23.63
C TRP B 173 4.54 -16.68 -22.50
N VAL B 174 5.69 -16.37 -21.90
CA VAL B 174 5.77 -15.43 -20.79
C VAL B 174 6.87 -14.41 -21.07
N VAL B 175 6.56 -13.14 -20.90
CA VAL B 175 7.53 -12.06 -20.96
C VAL B 175 7.62 -11.43 -19.57
N SER B 176 8.85 -11.24 -19.08
CA SER B 176 9.08 -10.64 -17.78
C SER B 176 10.13 -9.55 -17.90
N GLY B 177 10.14 -8.65 -16.93
CA GLY B 177 11.11 -7.59 -16.88
C GLY B 177 10.94 -6.71 -15.66
N PRO B 178 11.89 -5.81 -15.44
CA PRO B 178 11.81 -4.88 -14.32
C PRO B 178 11.17 -3.57 -14.72
N LEU B 179 10.86 -2.75 -13.71
CA LEU B 179 10.24 -1.46 -13.92
C LEU B 179 10.65 -0.50 -12.82
N THR B 180 10.77 0.78 -13.19
CA THR B 180 11.07 1.88 -12.28
C THR B 180 9.98 2.93 -12.52
N LEU B 181 8.92 2.85 -11.74
CA LEU B 181 7.73 3.67 -11.94
C LEU B 181 7.76 4.89 -11.03
N PRO B 182 7.11 5.98 -11.43
CA PRO B 182 7.08 7.18 -10.59
C PRO B 182 6.08 7.05 -9.45
N GLN B 183 6.25 7.93 -8.46
CA GLN B 183 5.35 8.02 -7.32
C GLN B 183 4.98 9.48 -7.11
N THR B 184 3.70 9.79 -7.27
CA THR B 184 3.22 11.11 -6.89
C THR B 184 3.36 11.28 -5.38
N ARG B 185 3.91 12.42 -4.96
CA ARG B 185 4.07 12.69 -3.55
C ARG B 185 3.59 14.10 -3.20
N GLY B 186 3.90 14.55 -1.99
CA GLY B 186 3.29 15.72 -1.38
C GLY B 186 2.95 16.86 -2.31
N ASP B 187 3.93 17.37 -3.05
CA ASP B 187 3.70 18.49 -3.94
C ASP B 187 2.93 18.11 -5.20
N GLY B 188 2.57 16.84 -5.38
CA GLY B 188 1.99 16.38 -6.62
C GLY B 188 2.98 16.17 -7.74
N LYS B 189 4.27 16.35 -7.48
CA LYS B 189 5.29 16.02 -8.46
C LYS B 189 5.50 14.51 -8.49
N LYS B 190 5.55 13.95 -9.69
CA LYS B 190 5.80 12.53 -9.89
C LYS B 190 7.30 12.31 -10.02
N ILE B 191 7.87 11.50 -9.14
CA ILE B 191 9.31 11.31 -9.06
C ILE B 191 9.62 9.83 -9.20
N VAL B 192 10.35 9.47 -10.25
CA VAL B 192 10.92 8.13 -10.37
C VAL B 192 12.16 8.09 -9.50
N SER B 193 12.15 7.22 -8.49
CA SER B 193 13.26 7.11 -7.55
C SER B 193 13.57 5.64 -7.35
N TYR B 194 14.80 5.25 -7.67
CA TYR B 194 15.21 3.86 -7.50
C TYR B 194 16.68 3.80 -7.08
N GLN B 195 17.03 2.73 -6.39
CA GLN B 195 18.38 2.50 -5.90
C GLN B 195 19.22 1.81 -6.96
N VAL B 196 20.54 1.99 -6.85
CA VAL B 196 21.50 1.32 -7.72
C VAL B 196 22.61 0.75 -6.84
N ILE B 197 22.95 -0.51 -7.06
CA ILE B 197 23.81 -1.25 -6.15
C ILE B 197 25.09 -1.67 -6.88
N GLY B 198 26.11 -2.01 -6.10
CA GLY B 198 27.36 -2.49 -6.63
C GLY B 198 28.23 -1.37 -7.17
N GLU B 199 29.47 -1.73 -7.49
CA GLU B 199 30.36 -0.80 -8.17
C GLU B 199 29.83 -0.41 -9.54
N ASP B 200 29.00 -1.25 -10.14
CA ASP B 200 28.46 -0.99 -11.47
C ASP B 200 27.09 -0.32 -11.44
N ASN B 201 26.56 -0.02 -10.25
CA ASN B 201 25.27 0.66 -10.11
C ASN B 201 24.18 -0.05 -10.89
N VAL B 202 23.90 -1.28 -10.46
CA VAL B 202 22.83 -2.07 -11.06
C VAL B 202 21.49 -1.56 -10.54
N ALA B 203 20.58 -1.27 -11.45
CA ALA B 203 19.29 -0.69 -11.07
C ALA B 203 18.45 -1.70 -10.32
N VAL B 204 17.91 -1.27 -9.18
CA VAL B 204 16.97 -2.07 -8.40
C VAL B 204 15.56 -1.60 -8.76
N PRO B 205 14.73 -2.43 -9.37
CA PRO B 205 13.42 -1.96 -9.82
C PRO B 205 12.42 -1.84 -8.68
N SER B 206 11.47 -0.92 -8.87
CA SER B 206 10.38 -0.74 -7.92
C SER B 206 9.32 -1.83 -8.07
N HIS B 207 9.03 -2.22 -9.31
CA HIS B 207 8.05 -3.25 -9.58
C HIS B 207 8.59 -4.22 -10.63
N LEU B 208 7.99 -5.39 -10.68
CA LEU B 208 8.25 -6.38 -11.72
C LEU B 208 6.97 -6.64 -12.49
N TYR B 209 7.12 -7.03 -13.76
CA TYR B 209 5.96 -7.31 -14.61
C TYR B 209 6.09 -8.70 -15.21
N LYS B 210 4.94 -9.26 -15.59
CA LYS B 210 4.89 -10.56 -16.25
C LYS B 210 3.69 -10.55 -17.18
N VAL B 211 3.93 -10.90 -18.44
CA VAL B 211 2.88 -10.95 -19.46
C VAL B 211 2.76 -12.39 -19.91
N ILE B 212 1.67 -13.04 -19.53
CA ILE B 212 1.44 -14.45 -19.80
C ILE B 212 0.53 -14.57 -21.01
N LEU B 213 1.02 -15.21 -22.06
CA LEU B 213 0.23 -15.52 -23.26
C LEU B 213 0.12 -17.04 -23.35
N ALA B 214 -1.10 -17.54 -23.21
CA ALA B 214 -1.37 -18.97 -23.19
C ALA B 214 -2.31 -19.34 -24.34
N ARG B 215 -1.97 -20.40 -25.06
CA ARG B 215 -2.78 -20.90 -26.17
C ARG B 215 -3.25 -22.30 -25.81
N ARG B 216 -4.55 -22.56 -25.99
CA ARG B 216 -5.09 -23.87 -25.68
C ARG B 216 -4.36 -24.95 -26.45
N SER B 217 -4.29 -24.81 -27.77
CA SER B 217 -3.52 -25.74 -28.60
C SER B 217 -3.33 -25.11 -29.97
N SER B 218 -2.39 -25.68 -30.73
CA SER B 218 -2.11 -25.20 -32.08
C SER B 218 -3.22 -25.53 -33.06
N VAL B 219 -4.19 -26.36 -32.69
CA VAL B 219 -5.29 -26.73 -33.57
C VAL B 219 -6.64 -26.22 -33.08
N SER B 220 -6.71 -25.65 -31.88
CA SER B 220 -7.98 -25.22 -31.33
C SER B 220 -8.38 -23.86 -31.89
N THR B 221 -9.69 -23.68 -32.07
CA THR B 221 -10.25 -22.40 -32.47
C THR B 221 -10.39 -21.43 -31.31
N GLU B 222 -10.29 -21.91 -30.08
CA GLU B 222 -10.49 -21.05 -28.92
C GLU B 222 -9.55 -19.85 -29.00
N PRO B 223 -9.98 -18.66 -28.56
CA PRO B 223 -9.06 -17.51 -28.55
C PRO B 223 -7.86 -17.70 -27.65
N LEU B 224 -6.93 -16.73 -27.67
CA LEU B 224 -5.76 -16.78 -26.81
C LEU B 224 -6.05 -16.13 -25.48
N ALA B 225 -5.47 -16.67 -24.42
CA ALA B 225 -5.58 -16.08 -23.09
C ALA B 225 -4.38 -15.18 -22.83
N LEU B 226 -4.63 -14.03 -22.22
CA LEU B 226 -3.58 -13.06 -21.99
C LEU B 226 -3.90 -12.24 -20.75
N GLY B 227 -2.84 -11.87 -20.02
CA GLY B 227 -2.97 -11.02 -18.86
C GLY B 227 -1.66 -10.41 -18.45
N ALA B 228 -1.65 -9.09 -18.26
CA ALA B 228 -0.48 -8.38 -17.77
C ALA B 228 -0.59 -8.19 -16.28
N PHE B 229 0.56 -8.23 -15.60
CA PHE B 229 0.61 -8.09 -14.16
C PHE B 229 1.84 -7.29 -13.77
N VAL B 230 1.72 -6.54 -12.67
CA VAL B 230 2.78 -5.68 -12.18
C VAL B 230 2.87 -5.84 -10.67
N VAL B 231 3.99 -6.34 -10.18
CA VAL B 231 4.18 -6.68 -8.77
C VAL B 231 5.21 -5.72 -8.18
N PRO B 232 4.98 -5.17 -6.99
CA PRO B 232 6.03 -4.36 -6.34
C PRO B 232 7.16 -5.22 -5.79
N ASN B 233 8.39 -4.71 -5.94
CA ASN B 233 9.59 -5.42 -5.52
C ASN B 233 9.74 -5.30 -3.99
N GLU B 234 8.88 -6.06 -3.30
CA GLU B 234 8.87 -6.08 -1.84
C GLU B 234 8.11 -7.31 -1.40
N ALA B 235 8.21 -7.61 -0.10
CA ALA B 235 7.54 -8.77 0.44
C ALA B 235 6.03 -8.63 0.28
N ILE B 236 5.41 -9.65 -0.29
CA ILE B 236 3.96 -9.73 -0.43
C ILE B 236 3.51 -11.04 0.20
N GLY B 237 2.41 -10.97 0.95
CA GLY B 237 1.89 -12.14 1.62
C GLY B 237 1.02 -12.99 0.70
N PHE B 238 0.27 -13.89 1.32
CA PHE B 238 -0.70 -14.71 0.59
C PHE B 238 -2.07 -14.05 0.52
N GLN B 239 -2.27 -12.93 1.22
CA GLN B 239 -3.57 -12.26 1.27
C GLN B 239 -3.93 -11.65 -0.08
N PRO B 240 -3.01 -10.99 -0.77
CA PRO B 240 -3.36 -10.40 -2.06
C PRO B 240 -3.47 -11.45 -3.16
N GLN B 241 -4.44 -11.24 -4.05
CA GLN B 241 -4.66 -12.14 -5.16
C GLN B 241 -3.90 -11.67 -6.40
N LEU B 242 -3.51 -12.62 -7.24
CA LEU B 242 -2.84 -12.28 -8.49
C LEU B 242 -3.67 -11.31 -9.32
N THR B 243 -5.00 -11.41 -9.25
CA THR B 243 -5.85 -10.55 -10.04
C THR B 243 -5.72 -9.09 -9.62
N GLU B 244 -5.40 -8.84 -8.34
CA GLU B 244 -5.24 -7.46 -7.87
C GLU B 244 -4.07 -6.78 -8.56
N PHE B 245 -2.97 -7.50 -8.75
CA PHE B 245 -1.80 -6.96 -9.44
C PHE B 245 -1.93 -7.00 -10.95
N GLN B 246 -3.12 -7.21 -11.49
CA GLN B 246 -3.30 -7.29 -12.93
C GLN B 246 -3.49 -5.90 -13.52
N VAL B 247 -2.85 -5.69 -14.68
CA VAL B 247 -2.93 -4.43 -15.39
C VAL B 247 -3.38 -4.72 -16.81
N SER B 248 -3.75 -3.67 -17.53
CA SER B 248 -4.07 -3.79 -18.94
C SER B 248 -2.80 -3.77 -19.77
N LEU B 249 -2.81 -4.51 -20.89
CA LEU B 249 -1.63 -4.58 -21.72
C LEU B 249 -1.23 -3.21 -22.24
N GLN B 250 -2.22 -2.41 -22.67
CA GLN B 250 -1.91 -1.07 -23.16
C GLN B 250 -1.21 -0.23 -22.10
N ASP B 251 -1.64 -0.35 -20.84
CA ASP B 251 -1.02 0.40 -19.76
C ASP B 251 0.40 -0.10 -19.49
N LEU B 252 0.58 -1.42 -19.41
CA LEU B 252 1.91 -1.96 -19.16
C LEU B 252 2.86 -1.61 -20.30
N GLU B 253 2.34 -1.46 -21.51
CA GLU B 253 3.18 -1.04 -22.63
C GLU B 253 3.60 0.41 -22.48
N LYS B 254 2.65 1.28 -22.14
CA LYS B 254 3.00 2.69 -21.92
C LYS B 254 4.05 2.83 -20.82
N LEU B 255 3.88 2.09 -19.72
CA LEU B 255 4.82 2.22 -18.60
C LEU B 255 6.18 1.64 -18.97
N SER B 256 6.19 0.44 -19.56
CA SER B 256 7.44 -0.20 -19.95
C SER B 256 8.01 0.34 -21.25
N GLY B 257 7.25 1.16 -21.98
CA GLY B 257 7.70 1.63 -23.27
C GLY B 257 7.82 0.58 -24.33
N LEU B 258 7.42 -0.65 -24.06
CA LEU B 258 7.55 -1.76 -24.99
C LEU B 258 6.21 -2.06 -25.65
N VAL B 259 6.27 -2.83 -26.73
CA VAL B 259 5.09 -3.39 -27.39
C VAL B 259 5.23 -4.89 -27.30
N PHE B 260 4.34 -5.53 -26.54
CA PHE B 260 4.44 -6.96 -26.29
C PHE B 260 3.72 -7.74 -27.38
N PHE B 261 4.31 -8.89 -27.75
CA PHE B 261 3.77 -9.78 -28.77
C PHE B 261 3.20 -8.97 -29.93
N PRO B 262 4.06 -8.35 -30.75
CA PRO B 262 3.54 -7.45 -31.78
C PRO B 262 2.83 -8.18 -32.91
N HIS B 263 3.33 -9.33 -33.34
CA HIS B 263 2.67 -10.08 -34.41
C HIS B 263 1.23 -10.41 -34.05
N LEU B 264 0.94 -10.60 -32.77
CA LEU B 264 -0.39 -10.98 -32.34
C LEU B 264 -1.42 -9.93 -32.76
N ASP B 265 -2.49 -10.38 -33.43
CA ASP B 265 -3.55 -9.49 -33.88
C ASP B 265 -4.44 -9.13 -32.69
N ARG B 266 -4.58 -7.82 -32.43
CA ARG B 266 -5.34 -7.35 -31.28
C ARG B 266 -6.81 -7.16 -31.59
N THR B 267 -7.17 -6.76 -32.81
CA THR B 267 -8.57 -6.76 -33.21
C THR B 267 -9.12 -8.17 -33.27
N SER B 268 -8.26 -9.17 -33.41
CA SER B 268 -8.68 -10.56 -33.32
C SER B 268 -9.27 -10.81 -31.94
N ASP B 269 -9.70 -12.06 -31.69
CA ASP B 269 -10.32 -12.40 -30.41
C ASP B 269 -9.26 -12.84 -29.42
N ILE B 270 -9.10 -12.07 -28.35
CA ILE B 270 -8.26 -12.44 -27.22
C ILE B 270 -9.12 -12.40 -25.96
N ARG B 271 -8.81 -13.28 -25.02
CA ARG B 271 -9.60 -13.43 -23.81
C ARG B 271 -8.72 -13.16 -22.59
N ASN B 272 -9.38 -12.83 -21.48
CA ASN B 272 -8.69 -12.55 -20.23
C ASN B 272 -8.31 -13.86 -19.55
N ILE B 273 -7.01 -14.03 -19.28
CA ILE B 273 -6.54 -15.30 -18.70
C ILE B 273 -7.14 -15.53 -17.32
N CYS B 274 -7.49 -14.47 -16.60
CA CYS B 274 -8.12 -14.63 -15.30
C CYS B 274 -9.61 -14.94 -15.41
N SER B 275 -10.22 -14.75 -16.58
CA SER B 275 -11.57 -15.19 -16.84
C SER B 275 -11.62 -16.63 -17.33
N VAL B 276 -10.75 -16.96 -18.29
CA VAL B 276 -10.68 -18.33 -18.80
C VAL B 276 -10.14 -19.26 -17.74
N ASP B 277 -9.12 -18.82 -17.01
CA ASP B 277 -8.43 -19.65 -16.04
C ASP B 277 -8.73 -19.11 -14.63
N THR B 278 -7.91 -19.51 -13.66
CA THR B 278 -8.14 -19.18 -12.27
C THR B 278 -7.43 -17.91 -11.83
N CYS B 279 -6.19 -17.70 -12.29
CA CYS B 279 -5.32 -16.69 -11.70
C CYS B 279 -5.28 -16.88 -10.19
N LYS B 280 -5.04 -18.13 -9.79
CA LYS B 280 -5.04 -18.55 -8.40
C LYS B 280 -3.66 -19.08 -8.04
N LEU B 281 -3.01 -18.44 -7.07
CA LEU B 281 -1.71 -18.90 -6.62
C LEU B 281 -1.87 -19.92 -5.50
N LEU B 282 -0.78 -20.61 -5.20
CA LEU B 282 -0.80 -21.62 -4.16
C LEU B 282 -0.87 -20.95 -2.80
N ASP B 283 -1.96 -21.20 -2.08
CA ASP B 283 -2.11 -20.64 -0.74
C ASP B 283 -1.03 -21.20 0.18
N PHE B 284 -0.97 -20.71 1.42
CA PHE B 284 0.07 -21.13 2.34
C PHE B 284 0.13 -22.64 2.45
N GLN B 285 -1.02 -23.29 2.64
CA GLN B 285 -1.06 -24.73 2.79
C GLN B 285 -0.45 -25.43 1.57
N GLU B 286 -1.08 -25.25 0.41
CA GLU B 286 -0.58 -25.86 -0.82
C GLU B 286 0.88 -25.49 -1.06
N PHE B 287 1.18 -24.19 -0.98
CA PHE B 287 2.53 -23.72 -1.26
C PHE B 287 3.54 -24.36 -0.32
N THR B 288 3.24 -24.41 0.97
CA THR B 288 4.14 -25.07 1.92
C THR B 288 4.18 -26.57 1.67
N LEU B 289 3.08 -27.15 1.20
CA LEU B 289 3.06 -28.57 0.88
C LEU B 289 3.95 -28.87 -0.32
N TYR B 290 3.88 -28.03 -1.36
CA TYR B 290 4.65 -28.29 -2.57
C TYR B 290 6.15 -28.14 -2.33
N LEU B 291 6.57 -27.12 -1.59
CA LEU B 291 7.97 -26.98 -1.25
C LEU B 291 8.51 -28.26 -0.63
N SER B 292 7.83 -28.76 0.40
CA SER B 292 8.26 -30.00 1.04
C SER B 292 8.36 -31.14 0.03
N THR B 293 7.42 -31.19 -0.92
CA THR B 293 7.50 -32.20 -1.98
C THR B 293 8.80 -32.08 -2.76
N ARG B 294 9.27 -30.84 -2.96
CA ARG B 294 10.51 -30.63 -3.71
C ARG B 294 11.74 -30.88 -2.86
N LYS B 295 11.64 -30.75 -1.54
CA LYS B 295 12.80 -30.86 -0.68
C LYS B 295 13.20 -32.30 -0.43
N ILE B 296 12.24 -33.22 -0.37
CA ILE B 296 12.53 -34.61 -0.03
C ILE B 296 13.48 -35.22 -1.05
N GLU B 297 13.35 -34.85 -2.33
CA GLU B 297 14.27 -35.36 -3.33
C GLU B 297 15.71 -34.94 -3.04
N GLY B 298 15.90 -33.82 -2.36
CA GLY B 298 17.22 -33.35 -1.98
C GLY B 298 17.59 -33.74 -0.57
N LEU B 305 16.06 -34.76 5.89
CA LEU B 305 14.97 -35.68 5.59
C LEU B 305 13.97 -35.73 6.74
N GLU B 306 14.41 -36.29 7.87
CA GLU B 306 13.55 -36.36 9.05
C GLU B 306 13.11 -34.97 9.50
N LYS B 307 13.81 -33.92 9.08
CA LYS B 307 13.47 -32.56 9.48
C LYS B 307 12.38 -31.97 8.60
N ILE B 308 12.27 -32.44 7.36
CA ILE B 308 11.24 -31.95 6.45
C ILE B 308 9.85 -32.22 7.04
N MET B 309 9.61 -33.47 7.46
CA MET B 309 8.32 -33.83 8.02
C MET B 309 8.05 -33.08 9.31
N GLU B 310 9.06 -32.94 10.17
CA GLU B 310 8.86 -32.29 11.46
C GLU B 310 8.36 -30.86 11.28
N ASN B 311 9.07 -30.07 10.47
CA ASN B 311 8.62 -28.71 10.19
C ASN B 311 7.36 -28.71 9.36
N LEU B 312 7.13 -29.76 8.57
CA LEU B 312 5.93 -29.83 7.73
C LEU B 312 4.67 -29.92 8.59
N LYS B 313 4.65 -30.82 9.57
CA LYS B 313 3.47 -30.97 10.41
C LYS B 313 3.29 -29.78 11.34
N ASN B 314 4.40 -29.19 11.80
CA ASN B 314 4.31 -28.08 12.75
C ASN B 314 3.50 -26.92 12.18
N ALA B 315 3.46 -26.77 10.86
CA ALA B 315 2.75 -25.68 10.21
C ALA B 315 1.31 -26.05 9.84
N GLU B 316 0.68 -26.96 10.61
CA GLU B 316 -0.71 -27.33 10.39
C GLU B 316 -0.94 -27.79 8.95
N ILE B 317 -0.14 -28.77 8.53
CA ILE B 317 -0.25 -29.35 7.19
C ILE B 317 -0.49 -30.84 7.33
N GLU B 318 -1.40 -31.36 6.51
CA GLU B 318 -1.65 -32.79 6.45
C GLU B 318 -0.91 -33.37 5.24
N PRO B 319 0.17 -34.13 5.43
CA PRO B 319 0.89 -34.67 4.27
C PRO B 319 -0.01 -35.39 3.30
N ASP B 320 -0.14 -34.85 2.09
CA ASP B 320 -0.98 -35.45 1.07
C ASP B 320 -0.44 -36.82 0.65
N ASP B 321 -1.31 -37.62 0.02
CA ASP B 321 -0.88 -38.91 -0.50
C ASP B 321 0.20 -38.75 -1.56
N TYR B 322 0.03 -37.76 -2.46
CA TYR B 322 1.06 -37.49 -3.45
C TYR B 322 2.40 -37.17 -2.78
N PHE B 323 2.36 -36.53 -1.61
CA PHE B 323 3.58 -36.29 -0.85
C PHE B 323 4.01 -37.54 -0.08
N MET B 324 3.04 -38.25 0.52
CA MET B 324 3.38 -39.47 1.25
C MET B 324 4.00 -40.51 0.35
N SER B 325 3.46 -40.67 -0.87
CA SER B 325 4.04 -41.62 -1.81
C SER B 325 5.49 -41.26 -2.12
N ARG B 326 5.74 -40.01 -2.52
CA ARG B 326 7.10 -39.57 -2.81
C ARG B 326 7.98 -39.65 -1.57
N TYR B 327 7.39 -39.51 -0.39
CA TYR B 327 8.16 -39.61 0.86
C TYR B 327 8.69 -41.03 1.04
N GLU B 328 7.81 -42.03 0.92
CA GLU B 328 8.22 -43.41 1.14
C GLU B 328 9.27 -43.85 0.12
N LYS B 329 9.06 -43.52 -1.16
CA LYS B 329 10.04 -43.88 -2.18
C LYS B 329 11.43 -43.34 -1.82
N LYS B 330 11.51 -42.05 -1.49
CA LYS B 330 12.78 -41.47 -1.07
C LYS B 330 13.20 -41.98 0.30
N LEU B 331 12.22 -42.36 1.15
CA LEU B 331 12.57 -42.88 2.47
C LEU B 331 13.23 -44.25 2.36
N GLU B 332 12.80 -45.07 1.40
CA GLU B 332 13.34 -46.41 1.24
C GLU B 332 14.54 -46.45 0.29
N GLU B 333 14.91 -45.33 -0.31
CA GLU B 333 16.07 -45.29 -1.19
C GLU B 333 17.35 -45.11 -0.37
N LYS C 39 -15.36 -30.42 11.69
CA LYS C 39 -15.49 -28.99 11.87
C LYS C 39 -16.35 -28.37 10.78
N ALA C 40 -16.73 -29.18 9.79
CA ALA C 40 -17.68 -28.73 8.77
C ALA C 40 -19.10 -28.72 9.29
N VAL C 41 -19.42 -29.60 10.24
CA VAL C 41 -20.73 -29.57 10.88
C VAL C 41 -20.84 -28.36 11.78
N LEU C 42 -19.75 -27.99 12.45
CA LEU C 42 -19.76 -26.82 13.32
C LEU C 42 -20.20 -25.57 12.56
N GLU C 43 -19.63 -25.35 11.37
CA GLU C 43 -19.97 -24.21 10.53
C GLU C 43 -21.07 -24.53 9.53
N GLN C 44 -21.92 -25.52 9.82
CA GLN C 44 -22.95 -25.89 8.86
C GLN C 44 -23.91 -24.76 8.58
N PHE C 45 -23.99 -23.77 9.47
CA PHE C 45 -24.85 -22.60 9.27
C PHE C 45 -24.06 -21.30 9.29
N GLY C 46 -22.75 -21.36 9.37
CA GLY C 46 -21.91 -20.18 9.27
C GLY C 46 -21.55 -19.61 10.62
N PHE C 47 -20.38 -18.98 10.69
CA PHE C 47 -19.99 -18.26 11.89
C PHE C 47 -20.81 -16.99 12.03
N PRO C 48 -20.95 -16.47 13.25
CA PRO C 48 -21.58 -15.14 13.39
C PRO C 48 -20.74 -14.08 12.71
N LEU C 49 -21.39 -12.99 12.30
CA LEU C 49 -20.74 -11.93 11.55
C LEU C 49 -20.57 -10.70 12.45
N THR C 50 -19.32 -10.32 12.67
CA THR C 50 -19.01 -9.13 13.46
C THR C 50 -18.94 -7.85 12.61
N GLY C 51 -18.96 -7.98 11.29
CA GLY C 51 -18.87 -6.82 10.43
C GLY C 51 -17.62 -5.98 10.63
N THR C 52 -16.57 -6.58 11.18
CA THR C 52 -15.30 -5.87 11.39
C THR C 52 -14.49 -5.74 10.11
N GLU C 53 -14.96 -6.29 9.00
CA GLU C 53 -14.28 -6.14 7.72
C GLU C 53 -13.87 -4.69 7.49
N ALA C 54 -12.67 -4.50 6.99
CA ALA C 54 -12.16 -3.16 6.70
C ALA C 54 -12.78 -2.63 5.42
N ARG C 55 -13.28 -1.40 5.48
CA ARG C 55 -13.92 -0.74 4.36
C ARG C 55 -13.07 0.45 3.94
N CYS C 56 -12.50 0.37 2.73
CA CYS C 56 -11.68 1.45 2.20
C CYS C 56 -12.53 2.42 1.40
N TYR C 57 -12.19 3.71 1.50
CA TYR C 57 -12.82 4.75 0.71
C TYR C 57 -11.72 5.53 0.01
N THR C 58 -12.11 6.55 -0.75
CA THR C 58 -11.15 7.21 -1.63
C THR C 58 -9.91 7.69 -0.88
N ASN C 59 -10.09 8.22 0.35
CA ASN C 59 -8.94 8.69 1.11
C ASN C 59 -9.07 8.41 2.60
N HIS C 60 -9.74 7.33 2.98
CA HIS C 60 -9.73 6.91 4.37
C HIS C 60 -10.31 5.51 4.48
N ALA C 61 -9.76 4.72 5.40
CA ALA C 61 -10.22 3.38 5.69
C ALA C 61 -10.74 3.33 7.12
N LEU C 62 -11.60 2.35 7.40
CA LEU C 62 -12.21 2.26 8.72
C LEU C 62 -12.66 0.82 8.95
N SER C 63 -12.72 0.45 10.22
CA SER C 63 -13.39 -0.76 10.67
C SER C 63 -14.57 -0.35 11.53
N TYR C 64 -15.76 -0.79 11.14
CA TYR C 64 -16.98 -0.38 11.83
C TYR C 64 -17.24 -1.26 13.05
N ASP C 65 -18.11 -0.78 13.93
CA ASP C 65 -18.56 -1.53 15.09
C ASP C 65 -20.08 -1.59 15.06
N GLN C 66 -20.61 -2.72 14.61
CA GLN C 66 -22.06 -2.87 14.50
C GLN C 66 -22.75 -2.70 15.85
N ALA C 67 -22.07 -3.04 16.94
CA ALA C 67 -22.69 -2.98 18.26
C ALA C 67 -22.91 -1.53 18.70
N LYS C 68 -21.85 -0.73 18.65
CA LYS C 68 -21.92 0.67 19.10
C LYS C 68 -22.27 1.63 17.97
N ARG C 69 -22.37 1.15 16.74
CA ARG C 69 -22.71 1.99 15.58
C ARG C 69 -21.72 3.14 15.41
N VAL C 70 -20.46 2.90 15.77
CA VAL C 70 -19.39 3.85 15.57
C VAL C 70 -18.18 3.13 15.02
N PRO C 71 -17.28 3.86 14.34
CA PRO C 71 -16.07 3.21 13.83
C PRO C 71 -15.12 2.83 14.96
N ARG C 72 -14.47 1.68 14.81
CA ARG C 72 -13.45 1.25 15.75
C ARG C 72 -12.16 2.05 15.55
N TRP C 73 -11.70 2.13 14.30
CA TRP C 73 -10.58 2.98 13.92
C TRP C 73 -10.86 3.57 12.54
N VAL C 74 -10.32 4.75 12.29
CA VAL C 74 -10.40 5.40 10.99
C VAL C 74 -9.00 5.88 10.64
N LEU C 75 -8.45 5.34 9.55
CA LEU C 75 -7.11 5.66 9.09
C LEU C 75 -7.19 6.54 7.86
N GLU C 76 -6.42 7.63 7.87
CA GLU C 76 -6.38 8.57 6.76
C GLU C 76 -4.92 8.84 6.39
N HIS C 77 -4.73 9.41 5.21
CA HIS C 77 -3.42 9.83 4.74
C HIS C 77 -3.50 11.29 4.32
N ILE C 78 -2.59 12.10 4.85
CA ILE C 78 -2.55 13.54 4.58
C ILE C 78 -1.25 13.84 3.86
N SER C 79 -1.35 14.56 2.74
CA SER C 79 -0.20 15.09 2.04
C SER C 79 -0.45 16.56 1.74
N LYS C 80 0.60 17.22 1.25
CA LYS C 80 0.48 18.64 0.92
C LYS C 80 -0.54 18.86 -0.19
N SER C 81 -0.59 17.96 -1.17
CA SER C 81 -1.49 18.14 -2.30
C SER C 81 -2.94 17.96 -1.89
N LYS C 82 -3.22 17.03 -0.98
CA LYS C 82 -4.59 16.64 -0.71
C LYS C 82 -5.40 17.77 -0.09
N ILE C 83 -4.80 18.51 0.84
CA ILE C 83 -5.53 19.54 1.57
C ILE C 83 -5.68 20.81 0.73
N MET C 84 -5.26 20.74 -0.54
CA MET C 84 -5.40 21.84 -1.49
C MET C 84 -6.43 21.44 -2.55
N GLY C 85 -7.52 22.20 -2.64
CA GLY C 85 -8.54 21.91 -3.63
C GLY C 85 -9.69 22.87 -3.50
N ASP C 86 -10.68 22.67 -4.37
CA ASP C 86 -11.89 23.49 -4.39
C ASP C 86 -13.12 22.69 -3.96
N ALA C 87 -12.93 21.74 -3.05
CA ALA C 87 -14.05 20.99 -2.49
C ALA C 87 -14.50 21.69 -1.21
N ASP C 88 -15.78 22.05 -1.17
CA ASP C 88 -16.35 22.80 -0.05
C ASP C 88 -17.19 21.86 0.79
N ARG C 89 -16.93 21.84 2.10
CA ARG C 89 -17.62 20.94 3.01
C ARG C 89 -19.13 21.14 3.02
N LYS C 90 -19.64 22.25 2.48
CA LYS C 90 -21.07 22.52 2.49
C LYS C 90 -21.76 22.02 1.24
N HIS C 91 -21.08 21.24 0.40
CA HIS C 91 -21.75 20.44 -0.61
C HIS C 91 -22.14 19.06 -0.09
N CYS C 92 -21.73 18.72 1.12
CA CYS C 92 -21.93 17.39 1.68
C CYS C 92 -22.95 17.44 2.80
N LYS C 93 -23.60 16.31 3.04
CA LYS C 93 -24.59 16.17 4.09
C LYS C 93 -24.34 14.88 4.86
N PHE C 94 -24.52 14.93 6.17
CA PHE C 94 -24.38 13.74 6.99
C PHE C 94 -25.48 12.75 6.65
N LYS C 95 -25.10 11.60 6.11
CA LYS C 95 -26.03 10.55 5.72
C LYS C 95 -25.45 9.21 6.14
N PRO C 96 -26.30 8.21 6.35
CA PRO C 96 -25.79 6.89 6.73
C PRO C 96 -24.93 6.28 5.62
N ASP C 97 -24.02 5.41 6.03
CA ASP C 97 -23.14 4.76 5.06
C ASP C 97 -23.91 3.68 4.32
N PRO C 98 -24.13 3.84 3.01
CA PRO C 98 -24.97 2.86 2.30
C PRO C 98 -24.37 1.46 2.25
N ASN C 99 -23.05 1.33 2.40
CA ASN C 99 -22.40 0.04 2.40
C ASN C 99 -22.47 -0.64 3.77
N ILE C 100 -23.26 -0.11 4.70
CA ILE C 100 -23.40 -0.68 6.03
C ILE C 100 -24.82 -1.22 6.19
N PRO C 101 -25.02 -2.37 6.84
CA PRO C 101 -26.38 -2.85 7.07
C PRO C 101 -27.19 -1.85 7.88
N PRO C 102 -28.27 -1.30 7.33
CA PRO C 102 -29.06 -0.33 8.10
C PRO C 102 -29.42 -0.78 9.50
N THR C 103 -29.59 -2.09 9.74
CA THR C 103 -29.88 -2.56 11.09
C THR C 103 -28.78 -2.21 12.07
N PHE C 104 -27.56 -2.01 11.60
CA PHE C 104 -26.43 -1.62 12.45
C PHE C 104 -25.92 -0.22 12.14
N SER C 105 -26.61 0.52 11.28
CA SER C 105 -26.20 1.87 10.91
C SER C 105 -26.73 2.89 11.92
N ALA C 106 -26.03 4.02 12.00
CA ALA C 106 -26.50 5.16 12.76
C ALA C 106 -27.31 6.09 11.86
N PHE C 107 -28.14 6.92 12.49
CA PHE C 107 -29.00 7.83 11.75
C PHE C 107 -29.00 9.19 12.44
N ASN C 108 -29.18 10.24 11.64
CA ASN C 108 -29.15 11.60 12.18
C ASN C 108 -30.14 11.75 13.33
N GLU C 109 -31.28 11.06 13.26
CA GLU C 109 -32.25 11.12 14.35
C GLU C 109 -31.62 10.70 15.67
N ASP C 110 -30.56 9.87 15.63
CA ASP C 110 -29.86 9.52 16.85
C ASP C 110 -29.06 10.69 17.40
N TYR C 111 -28.58 11.56 16.51
CA TYR C 111 -27.78 12.72 16.92
C TYR C 111 -28.62 13.96 17.15
N VAL C 112 -29.70 14.15 16.38
CA VAL C 112 -30.54 15.32 16.56
C VAL C 112 -31.16 15.30 17.94
N GLY C 113 -31.12 16.45 18.62
CA GLY C 113 -31.67 16.57 19.96
C GLY C 113 -30.90 15.87 21.05
N SER C 114 -29.87 15.10 20.71
CA SER C 114 -29.14 14.31 21.69
C SER C 114 -28.20 15.14 22.56
N GLY C 115 -28.01 16.42 22.26
CA GLY C 115 -27.01 17.19 22.96
C GLY C 115 -25.59 16.80 22.62
N TRP C 116 -25.37 16.23 21.44
CA TRP C 116 -24.05 15.83 21.00
C TRP C 116 -23.88 16.18 19.52
N SER C 117 -22.64 16.39 19.11
CA SER C 117 -22.32 16.75 17.74
C SER C 117 -21.89 15.52 16.96
N ARG C 118 -21.94 15.66 15.64
CA ARG C 118 -21.51 14.59 14.73
C ARG C 118 -20.05 14.86 14.37
N GLY C 119 -19.14 14.25 15.13
CA GLY C 119 -17.73 14.49 14.97
C GLY C 119 -17.03 13.51 14.04
N ALA C 120 -16.65 13.99 12.85
CA ALA C 120 -15.99 13.13 11.89
C ALA C 120 -14.58 12.80 12.35
N MET C 121 -14.22 11.51 12.25
CA MET C 121 -12.88 11.07 12.61
C MET C 121 -11.88 11.40 11.51
N ALA C 122 -12.25 11.17 10.25
CA ALA C 122 -11.44 11.62 9.13
C ALA C 122 -11.88 13.04 8.78
N PRO C 123 -11.08 14.08 9.05
CA PRO C 123 -11.58 15.44 8.85
C PRO C 123 -11.91 15.72 7.38
N ALA C 124 -13.01 16.44 7.17
CA ALA C 124 -13.34 16.90 5.83
C ALA C 124 -12.25 17.82 5.29
N GLY C 125 -11.68 18.65 6.15
CA GLY C 125 -10.63 19.57 5.74
C GLY C 125 -9.40 18.89 5.16
N ASN C 126 -9.28 17.57 5.30
CA ASN C 126 -8.14 16.86 4.74
C ASN C 126 -8.39 16.33 3.33
N ASN C 127 -9.63 16.41 2.83
CA ASN C 127 -10.00 15.90 1.52
C ASN C 127 -10.50 17.01 0.61
N LYS C 128 -9.84 18.17 0.66
CA LYS C 128 -10.24 19.29 -0.19
C LYS C 128 -9.96 19.01 -1.67
N PHE C 129 -9.02 18.12 -1.96
CA PHE C 129 -8.69 17.83 -3.35
C PHE C 129 -9.83 17.09 -4.05
N SER C 130 -10.51 16.20 -3.33
CA SER C 130 -11.55 15.34 -3.90
C SER C 130 -12.89 15.65 -3.27
N SER C 131 -13.88 15.95 -4.11
CA SER C 131 -15.24 16.18 -3.61
C SER C 131 -15.86 14.87 -3.14
N LYS C 132 -15.58 13.77 -3.84
CA LYS C 132 -16.11 12.48 -3.43
C LYS C 132 -15.55 12.07 -2.07
N ALA C 133 -14.23 12.19 -1.89
CA ALA C 133 -13.61 11.82 -0.63
C ALA C 133 -14.25 12.59 0.53
N MET C 134 -14.35 13.91 0.40
CA MET C 134 -14.98 14.70 1.45
C MET C 134 -16.41 14.22 1.71
N ALA C 135 -17.16 13.93 0.64
CA ALA C 135 -18.53 13.44 0.82
C ALA C 135 -18.56 12.08 1.50
N GLU C 136 -17.50 11.29 1.35
CA GLU C 136 -17.43 9.99 2.01
C GLU C 136 -17.09 10.10 3.49
N THR C 137 -16.50 11.21 3.92
CA THR C 137 -16.22 11.42 5.34
C THR C 137 -17.44 11.87 6.11
N PHE C 138 -18.53 12.24 5.43
CA PHE C 138 -19.77 12.60 6.11
C PHE C 138 -20.66 11.40 6.37
N TYR C 139 -20.31 10.23 5.86
CA TYR C 139 -21.00 9.00 6.26
C TYR C 139 -20.94 8.87 7.78
N LEU C 140 -22.05 8.45 8.38
CA LEU C 140 -22.08 8.26 9.84
C LEU C 140 -21.12 7.17 10.30
N SER C 141 -20.57 6.38 9.37
CA SER C 141 -19.53 5.40 9.72
C SER C 141 -18.24 6.07 10.15
N ASN C 142 -18.04 7.34 9.76
CA ASN C 142 -16.88 8.13 10.15
C ASN C 142 -17.19 9.06 11.31
N ILE C 143 -18.39 8.94 11.90
CA ILE C 143 -18.90 9.90 12.87
C ILE C 143 -19.00 9.23 14.24
N VAL C 144 -18.76 10.03 15.28
CA VAL C 144 -19.09 9.62 16.64
C VAL C 144 -19.72 10.79 17.37
N PRO C 145 -20.54 10.50 18.38
CA PRO C 145 -21.07 11.59 19.21
C PRO C 145 -19.96 12.31 19.96
N GLN C 146 -19.75 13.57 19.63
CA GLN C 146 -18.64 14.35 20.16
C GLN C 146 -19.17 15.59 20.88
N ASP C 147 -18.47 15.99 21.93
CA ASP C 147 -18.77 17.25 22.58
C ASP C 147 -18.59 18.41 21.60
N PHE C 148 -19.50 19.37 21.64
CA PHE C 148 -19.46 20.49 20.70
C PHE C 148 -18.16 21.27 20.84
N ASP C 149 -17.89 21.78 22.04
CA ASP C 149 -16.68 22.57 22.26
C ASP C 149 -15.43 21.78 21.90
N ASN C 150 -15.50 20.45 21.95
CA ASN C 150 -14.35 19.64 21.59
C ASN C 150 -14.20 19.53 20.08
N ASN C 151 -15.28 19.17 19.38
CA ASN C 151 -15.19 18.99 17.94
C ASN C 151 -14.81 20.28 17.23
N SER C 152 -15.39 21.41 17.64
CA SER C 152 -15.03 22.70 17.08
C SER C 152 -13.82 23.33 17.77
N GLY C 153 -13.52 22.93 19.00
CA GLY C 153 -12.42 23.52 19.73
C GLY C 153 -11.13 22.73 19.68
N TYR C 154 -10.84 21.99 20.74
CA TYR C 154 -9.52 21.38 20.88
C TYR C 154 -9.26 20.35 19.78
N TRP C 155 -10.22 19.44 19.56
CA TRP C 155 -10.04 18.41 18.54
C TRP C 155 -9.77 19.02 17.17
N ASN C 156 -10.53 20.07 16.82
CA ASN C 156 -10.29 20.77 15.56
C ASN C 156 -8.85 21.23 15.46
N ARG C 157 -8.32 21.82 16.53
CA ARG C 157 -6.96 22.32 16.51
C ARG C 157 -5.94 21.19 16.32
N ILE C 158 -6.28 19.96 16.73
CA ILE C 158 -5.37 18.85 16.51
C ILE C 158 -5.36 18.47 15.04
N GLU C 159 -6.51 18.56 14.38
CA GLU C 159 -6.58 18.24 12.96
C GLU C 159 -5.91 19.34 12.14
N MET C 160 -5.93 20.58 12.63
CA MET C 160 -5.14 21.64 12.03
C MET C 160 -3.65 21.34 12.17
N TYR C 161 -3.22 20.91 13.35
CA TYR C 161 -1.82 20.58 13.56
C TYR C 161 -1.39 19.43 12.65
N CYS C 162 -2.29 18.49 12.37
CA CYS C 162 -1.98 17.42 11.44
C CYS C 162 -1.77 17.97 10.04
N ARG C 163 -2.71 18.79 9.55
CA ARG C 163 -2.54 19.42 8.24
C ARG C 163 -1.30 20.29 8.20
N GLU C 164 -0.87 20.80 9.37
CA GLU C 164 0.33 21.63 9.42
C GLU C 164 1.58 20.79 9.20
N LEU C 165 1.59 19.56 9.73
CA LEU C 165 2.76 18.70 9.58
C LEU C 165 3.08 18.42 8.11
N THR C 166 2.16 18.68 7.19
CA THR C 166 2.47 18.56 5.78
C THR C 166 3.46 19.62 5.32
N GLU C 167 3.59 20.73 6.06
CA GLU C 167 4.54 21.77 5.71
C GLU C 167 5.99 21.33 5.93
N ARG C 168 6.22 20.33 6.78
CA ARG C 168 7.57 19.84 7.04
C ARG C 168 7.64 18.32 7.03
N PHE C 169 6.56 17.63 6.66
CA PHE C 169 6.58 16.21 6.37
C PHE C 169 5.78 15.98 5.09
N GLU C 170 6.34 15.22 4.15
CA GLU C 170 5.63 14.98 2.90
C GLU C 170 4.45 14.05 3.10
N ASP C 171 4.60 13.05 3.97
CA ASP C 171 3.56 12.07 4.24
C ASP C 171 3.21 12.07 5.72
N VAL C 172 1.91 12.00 6.01
CA VAL C 172 1.40 12.03 7.38
C VAL C 172 0.23 11.06 7.46
N TRP C 173 0.42 9.95 8.16
CA TRP C 173 -0.63 8.97 8.40
C TRP C 173 -1.28 9.23 9.75
N VAL C 174 -2.61 9.22 9.79
CA VAL C 174 -3.36 9.52 11.00
C VAL C 174 -4.41 8.44 11.20
N VAL C 175 -4.49 7.92 12.43
CA VAL C 175 -5.51 6.95 12.81
C VAL C 175 -6.28 7.54 13.98
N SER C 176 -7.57 7.76 13.78
CA SER C 176 -8.44 8.35 14.79
C SER C 176 -9.55 7.38 15.14
N GLY C 177 -9.92 7.35 16.42
CA GLY C 177 -11.00 6.50 16.86
C GLY C 177 -11.49 6.85 18.24
N PRO C 178 -12.66 6.33 18.61
CA PRO C 178 -13.24 6.61 19.93
C PRO C 178 -12.77 5.62 20.98
N LEU C 179 -13.13 5.92 22.23
CA LEU C 179 -12.74 5.09 23.36
C LEU C 179 -13.75 5.23 24.48
N THR C 180 -13.89 4.17 25.27
CA THR C 180 -14.77 4.13 26.44
C THR C 180 -13.96 3.50 27.58
N LEU C 181 -13.33 4.35 28.38
CA LEU C 181 -12.36 3.93 29.37
C LEU C 181 -12.99 3.81 30.76
N PRO C 182 -12.36 3.08 31.67
CA PRO C 182 -12.86 3.01 33.04
C PRO C 182 -12.44 4.22 33.86
N GLN C 183 -13.13 4.40 34.98
CA GLN C 183 -12.85 5.48 35.91
C GLN C 183 -12.92 4.92 37.31
N THR C 184 -11.77 4.72 37.95
CA THR C 184 -11.72 4.18 39.29
C THR C 184 -12.69 4.93 40.20
N ARG C 185 -13.71 4.22 40.68
CA ARG C 185 -14.72 4.81 41.53
C ARG C 185 -14.16 5.07 42.93
N GLY C 186 -14.99 5.67 43.78
CA GLY C 186 -14.56 5.93 45.15
C GLY C 186 -14.22 4.66 45.90
N ASP C 187 -14.96 3.57 45.65
CA ASP C 187 -14.72 2.30 46.31
C ASP C 187 -13.51 1.56 45.74
N GLY C 188 -12.86 2.11 44.71
CA GLY C 188 -11.60 1.58 44.24
C GLY C 188 -11.69 0.56 43.11
N LYS C 189 -12.89 0.15 42.72
CA LYS C 189 -13.05 -0.78 41.61
C LYS C 189 -13.38 -0.02 40.34
N LYS C 190 -12.79 -0.47 39.23
CA LYS C 190 -12.90 0.25 37.97
C LYS C 190 -14.22 -0.08 37.28
N ILE C 191 -14.86 0.95 36.75
CA ILE C 191 -16.16 0.82 36.10
C ILE C 191 -16.13 1.63 34.81
N VAL C 192 -16.39 0.95 33.69
CA VAL C 192 -16.63 1.64 32.43
C VAL C 192 -18.08 2.10 32.39
N SER C 193 -18.29 3.34 31.97
CA SER C 193 -19.63 3.88 31.78
C SER C 193 -19.64 4.79 30.57
N TYR C 194 -20.78 4.86 29.90
CA TYR C 194 -20.94 5.78 28.78
C TYR C 194 -22.42 5.82 28.40
N GLN C 195 -22.77 6.77 27.55
CA GLN C 195 -24.14 7.05 27.18
C GLN C 195 -24.39 6.62 25.75
N VAL C 196 -25.56 6.06 25.50
CA VAL C 196 -26.00 5.72 24.15
C VAL C 196 -27.22 6.57 23.83
N ILE C 197 -27.27 7.10 22.60
CA ILE C 197 -28.24 8.12 22.22
C ILE C 197 -29.01 7.64 21.00
N GLY C 198 -30.29 7.97 20.95
CA GLY C 198 -31.14 7.62 19.83
C GLY C 198 -31.75 6.24 19.97
N GLU C 199 -32.65 5.93 19.04
CA GLU C 199 -33.29 4.61 19.04
C GLU C 199 -32.30 3.51 18.74
N ASP C 200 -31.21 3.82 18.04
CA ASP C 200 -30.20 2.83 17.68
C ASP C 200 -29.14 2.65 18.76
N ASN C 201 -29.06 3.55 19.73
CA ASN C 201 -28.11 3.44 20.84
C ASN C 201 -26.67 3.50 20.35
N VAL C 202 -26.33 4.62 19.72
CA VAL C 202 -24.96 4.87 19.29
C VAL C 202 -24.13 5.32 20.49
N ALA C 203 -22.92 4.78 20.61
CA ALA C 203 -22.12 4.97 21.81
C ALA C 203 -21.47 6.35 21.83
N VAL C 204 -21.54 7.01 22.97
CA VAL C 204 -20.89 8.30 23.19
C VAL C 204 -19.56 8.03 23.89
N PRO C 205 -18.43 8.13 23.21
CA PRO C 205 -17.16 7.75 23.85
C PRO C 205 -16.74 8.76 24.91
N SER C 206 -16.01 8.25 25.91
CA SER C 206 -15.43 9.10 26.94
C SER C 206 -14.18 9.81 26.43
N HIS C 207 -13.42 9.17 25.55
CA HIS C 207 -12.20 9.75 25.02
C HIS C 207 -12.11 9.47 23.52
N LEU C 208 -11.19 10.17 22.88
CA LEU C 208 -10.85 9.95 21.48
C LEU C 208 -9.34 9.85 21.36
N TYR C 209 -8.87 8.96 20.51
CA TYR C 209 -7.44 8.80 20.29
C TYR C 209 -7.06 9.25 18.89
N LYS C 210 -5.77 9.57 18.74
CA LYS C 210 -5.19 9.93 17.46
C LYS C 210 -3.78 9.41 17.43
N VAL C 211 -3.41 8.73 16.35
CA VAL C 211 -2.05 8.23 16.17
C VAL C 211 -1.50 8.86 14.89
N ILE C 212 -0.45 9.66 15.05
CA ILE C 212 0.17 10.37 13.94
C ILE C 212 1.47 9.67 13.58
N LEU C 213 1.67 9.42 12.28
CA LEU C 213 2.90 8.83 11.78
C LEU C 213 3.33 9.63 10.56
N ALA C 214 4.54 10.19 10.60
CA ALA C 214 5.02 11.05 9.54
C ALA C 214 6.46 10.70 9.20
N ARG C 215 6.76 10.64 7.90
CA ARG C 215 8.11 10.50 7.40
C ARG C 215 8.46 11.73 6.60
N ARG C 216 9.72 12.17 6.71
CA ARG C 216 10.14 13.38 6.01
C ARG C 216 9.95 13.21 4.51
N SER C 217 10.52 12.15 3.93
CA SER C 217 10.37 11.90 2.51
C SER C 217 10.61 10.43 2.24
N SER C 218 10.10 9.97 1.08
CA SER C 218 10.31 8.58 0.69
C SER C 218 11.76 8.26 0.43
N VAL C 219 12.60 9.28 0.18
CA VAL C 219 14.02 9.06 -0.11
C VAL C 219 14.90 9.35 1.10
N SER C 220 14.39 10.05 2.11
CA SER C 220 15.20 10.38 3.27
C SER C 220 15.31 9.17 4.20
N THR C 221 16.52 8.95 4.70
CA THR C 221 16.77 7.89 5.66
C THR C 221 16.29 8.24 7.06
N GLU C 222 15.81 9.46 7.27
CA GLU C 222 15.41 9.90 8.59
C GLU C 222 14.36 8.96 9.18
N PRO C 223 14.37 8.71 10.49
CA PRO C 223 13.33 7.85 11.08
C PRO C 223 11.94 8.44 10.93
N LEU C 224 10.92 7.70 11.36
CA LEU C 224 9.54 8.17 11.33
C LEU C 224 9.18 8.81 12.66
N ALA C 225 8.34 9.83 12.60
CA ALA C 225 7.86 10.54 13.77
C ALA C 225 6.50 9.98 14.17
N LEU C 226 6.43 9.42 15.38
CA LEU C 226 5.23 8.74 15.86
C LEU C 226 4.72 9.41 17.13
N GLY C 227 3.39 9.49 17.24
CA GLY C 227 2.77 10.07 18.42
C GLY C 227 1.35 9.55 18.62
N ALA C 228 1.02 9.21 19.86
CA ALA C 228 -0.30 8.72 20.24
C ALA C 228 -0.87 9.62 21.33
N PHE C 229 -2.12 10.04 21.15
CA PHE C 229 -2.76 10.97 22.08
C PHE C 229 -4.20 10.54 22.32
N VAL C 230 -4.60 10.51 23.59
CA VAL C 230 -5.98 10.27 24.00
C VAL C 230 -6.52 11.54 24.64
N VAL C 231 -7.75 11.90 24.28
CA VAL C 231 -8.31 13.20 24.62
C VAL C 231 -9.70 13.03 25.20
N PRO C 232 -10.02 13.61 26.35
CA PRO C 232 -11.39 13.54 26.87
C PRO C 232 -12.39 14.15 25.90
N ASN C 233 -13.58 13.53 25.84
CA ASN C 233 -14.65 13.97 24.94
C ASN C 233 -15.47 15.08 25.61
N GLU C 234 -14.77 16.16 25.98
CA GLU C 234 -15.37 17.28 26.68
C GLU C 234 -14.69 18.56 26.22
N ALA C 235 -15.24 19.69 26.66
CA ALA C 235 -14.65 20.98 26.35
C ALA C 235 -13.28 21.09 27.00
N ILE C 236 -12.26 21.34 26.19
CA ILE C 236 -10.89 21.53 26.68
C ILE C 236 -10.41 22.89 26.18
N GLY C 237 -9.78 23.65 27.08
CA GLY C 237 -9.31 24.97 26.75
C GLY C 237 -7.97 24.95 26.04
N PHE C 238 -7.35 26.13 25.97
CA PHE C 238 -6.03 26.27 25.34
C PHE C 238 -4.89 26.07 26.33
N GLN C 239 -5.12 26.29 27.62
CA GLN C 239 -4.05 26.17 28.60
C GLN C 239 -3.37 24.80 28.54
N PRO C 240 -4.08 23.69 28.40
CA PRO C 240 -3.40 22.41 28.17
C PRO C 240 -3.02 22.24 26.71
N GLN C 241 -1.91 21.54 26.49
CA GLN C 241 -1.41 21.35 25.14
C GLN C 241 -1.12 19.88 24.88
N LEU C 242 -0.97 19.57 23.60
CA LEU C 242 -1.00 18.19 23.13
C LEU C 242 -0.03 17.29 23.88
N THR C 243 1.08 17.85 24.38
CA THR C 243 2.07 17.02 25.07
C THR C 243 1.47 16.35 26.31
N GLU C 244 0.45 16.96 26.92
CA GLU C 244 -0.13 16.42 28.14
C GLU C 244 -1.04 15.23 27.84
N PHE C 245 -1.78 15.29 26.73
CA PHE C 245 -2.70 14.23 26.35
C PHE C 245 -2.02 13.10 25.59
N GLN C 246 -0.69 13.03 25.62
CA GLN C 246 0.04 12.02 24.87
C GLN C 246 0.19 10.75 25.70
N VAL C 247 0.20 9.62 25.00
CA VAL C 247 0.37 8.30 25.62
C VAL C 247 1.32 7.49 24.76
N SER C 248 1.84 6.41 25.34
CA SER C 248 2.70 5.50 24.58
C SER C 248 1.84 4.64 23.66
N LEU C 249 2.37 4.36 22.47
CA LEU C 249 1.59 3.60 21.49
C LEU C 249 1.11 2.28 22.07
N GLN C 250 1.99 1.57 22.77
CA GLN C 250 1.61 0.27 23.32
C GLN C 250 0.47 0.43 24.33
N ASP C 251 0.50 1.50 25.13
CA ASP C 251 -0.58 1.74 26.08
C ASP C 251 -1.88 2.02 25.37
N LEU C 252 -1.85 2.75 24.25
CA LEU C 252 -3.06 2.98 23.50
C LEU C 252 -3.61 1.69 22.91
N GLU C 253 -2.74 0.72 22.63
CA GLU C 253 -3.18 -0.53 22.04
C GLU C 253 -3.84 -1.44 23.08
N LYS C 254 -3.33 -1.44 24.32
CA LYS C 254 -4.01 -2.15 25.39
C LYS C 254 -5.38 -1.55 25.66
N LEU C 255 -5.45 -0.22 25.78
CA LEU C 255 -6.73 0.44 26.01
C LEU C 255 -7.72 0.13 24.90
N SER C 256 -7.26 0.12 23.65
CA SER C 256 -8.14 0.00 22.49
C SER C 256 -8.24 -1.42 21.96
N GLY C 257 -7.47 -2.36 22.48
CA GLY C 257 -7.44 -3.69 21.90
C GLY C 257 -7.13 -3.68 20.42
N LEU C 258 -6.31 -2.73 19.98
CA LEU C 258 -5.92 -2.59 18.59
C LEU C 258 -4.41 -2.71 18.46
N VAL C 259 -3.95 -2.91 17.24
CA VAL C 259 -2.54 -2.84 16.89
C VAL C 259 -2.43 -1.94 15.67
N PHE C 260 -1.81 -0.78 15.84
CA PHE C 260 -1.75 0.22 14.78
C PHE C 260 -0.48 0.06 13.96
N PHE C 261 -0.60 0.22 12.65
CA PHE C 261 0.53 0.12 11.74
C PHE C 261 1.33 -1.14 12.03
N PRO C 262 0.77 -2.33 11.76
CA PRO C 262 1.48 -3.56 12.13
C PRO C 262 2.69 -3.84 11.25
N HIS C 263 2.66 -3.44 9.98
CA HIS C 263 3.82 -3.62 9.12
C HIS C 263 5.01 -2.81 9.61
N LEU C 264 4.78 -1.74 10.36
CA LEU C 264 5.86 -0.93 10.91
C LEU C 264 6.75 -1.78 11.81
N ASP C 265 8.05 -1.50 11.76
CA ASP C 265 9.04 -2.28 12.50
C ASP C 265 9.30 -1.61 13.85
N ARG C 266 8.82 -2.24 14.92
CA ARG C 266 9.02 -1.69 16.25
C ARG C 266 10.50 -1.66 16.62
N THR C 267 11.28 -2.65 16.15
CA THR C 267 12.71 -2.67 16.44
C THR C 267 13.44 -1.56 15.71
N SER C 268 12.98 -1.19 14.52
CA SER C 268 13.55 -0.07 13.79
C SER C 268 13.56 1.18 14.67
N ASP C 269 14.32 2.19 14.27
CA ASP C 269 14.35 3.44 15.02
C ASP C 269 13.15 4.29 14.65
N ILE C 270 12.31 4.58 15.65
CA ILE C 270 11.21 5.54 15.50
C ILE C 270 11.41 6.62 16.55
N ARG C 271 11.08 7.86 16.20
CA ARG C 271 11.31 8.99 17.06
C ARG C 271 9.98 9.62 17.47
N ASN C 272 9.94 10.14 18.70
CA ASN C 272 8.76 10.83 19.19
C ASN C 272 8.46 12.05 18.35
N ILE C 273 7.25 12.14 17.82
CA ILE C 273 6.89 13.27 16.98
C ILE C 273 6.90 14.56 17.78
N CYS C 274 6.69 14.48 19.09
CA CYS C 274 6.78 15.67 19.94
C CYS C 274 8.22 16.01 20.31
N SER C 275 9.15 15.09 20.10
CA SER C 275 10.57 15.40 20.24
C SER C 275 11.15 15.89 18.91
N VAL C 276 10.76 15.27 17.80
CA VAL C 276 11.21 15.72 16.48
C VAL C 276 10.55 17.05 16.11
N ASP C 277 9.22 17.07 16.13
CA ASP C 277 8.47 18.27 15.79
C ASP C 277 8.22 19.11 17.04
N THR C 278 7.08 19.80 17.10
CA THR C 278 6.76 20.71 18.18
C THR C 278 5.58 20.26 19.03
N CYS C 279 4.53 19.73 18.41
CA CYS C 279 3.32 19.31 19.13
C CYS C 279 2.68 20.49 19.84
N LYS C 280 2.71 21.66 19.20
CA LYS C 280 2.09 22.87 19.73
C LYS C 280 0.94 23.27 18.82
N LEU C 281 -0.29 23.10 19.30
CA LEU C 281 -1.45 23.52 18.55
C LEU C 281 -1.55 25.04 18.53
N LEU C 282 -2.52 25.55 17.78
CA LEU C 282 -2.78 26.98 17.82
C LEU C 282 -3.15 27.40 19.23
N ASP C 283 -2.93 28.68 19.50
CA ASP C 283 -3.23 29.28 20.80
C ASP C 283 -4.39 30.26 20.66
N PHE C 284 -4.81 30.82 21.79
CA PHE C 284 -5.99 31.67 21.81
C PHE C 284 -5.86 32.82 20.82
N GLN C 285 -4.76 33.57 20.90
CA GLN C 285 -4.59 34.73 20.03
C GLN C 285 -4.63 34.32 18.56
N GLU C 286 -4.01 33.20 18.22
CA GLU C 286 -4.00 32.75 16.83
C GLU C 286 -5.35 32.17 16.43
N PHE C 287 -5.88 31.24 17.23
CA PHE C 287 -7.12 30.58 16.88
C PHE C 287 -8.29 31.56 16.83
N THR C 288 -8.42 32.38 17.88
CA THR C 288 -9.51 33.36 17.90
C THR C 288 -9.38 34.34 16.74
N LEU C 289 -8.14 34.69 16.38
CA LEU C 289 -7.93 35.56 15.23
C LEU C 289 -8.33 34.86 13.95
N TYR C 290 -7.99 33.57 13.83
CA TYR C 290 -8.34 32.82 12.62
C TYR C 290 -9.84 32.83 12.38
N LEU C 291 -10.63 32.49 13.40
CA LEU C 291 -12.08 32.43 13.22
C LEU C 291 -12.63 33.78 12.80
N SER C 292 -12.20 34.86 13.46
CA SER C 292 -12.70 36.18 13.11
C SER C 292 -12.47 36.50 11.65
N THR C 293 -11.37 36.00 11.07
CA THR C 293 -11.11 36.22 9.65
C THR C 293 -12.05 35.39 8.79
N ARG C 294 -12.39 34.18 9.24
CA ARG C 294 -13.33 33.36 8.50
C ARG C 294 -14.75 33.93 8.57
N LYS C 295 -15.11 34.53 9.70
CA LYS C 295 -16.44 35.09 9.88
C LYS C 295 -16.65 36.37 9.10
N ILE C 296 -15.59 36.97 8.55
CA ILE C 296 -15.75 38.14 7.69
C ILE C 296 -16.66 37.80 6.51
N GLU C 297 -16.23 36.84 5.68
CA GLU C 297 -17.12 36.32 4.64
C GLU C 297 -18.43 35.84 5.22
N GLY C 298 -18.39 35.24 6.42
CA GLY C 298 -19.60 34.67 6.99
C GLY C 298 -20.63 35.73 7.35
N ALA C 299 -20.21 36.76 8.09
CA ALA C 299 -21.12 37.80 8.53
C ALA C 299 -21.87 38.39 7.35
N ARG C 300 -23.05 38.98 7.60
CA ARG C 300 -23.98 39.34 6.55
C ARG C 300 -24.52 40.76 6.66
N SER C 301 -24.14 41.51 7.69
CA SER C 301 -24.62 42.88 7.85
C SER C 301 -23.57 43.68 8.62
N VAL C 302 -23.81 44.98 8.74
CA VAL C 302 -22.85 45.85 9.40
C VAL C 302 -22.83 45.61 10.90
N LEU C 303 -23.98 45.27 11.50
CA LEU C 303 -24.01 45.01 12.93
C LEU C 303 -23.14 43.82 13.28
N ARG C 304 -23.31 42.70 12.56
CA ARG C 304 -22.49 41.52 12.83
C ARG C 304 -21.05 41.73 12.41
N LEU C 305 -20.76 42.73 11.59
CA LEU C 305 -19.38 42.99 11.16
C LEU C 305 -18.57 43.60 12.30
N GLU C 306 -19.06 44.68 12.89
CA GLU C 306 -18.28 45.39 13.90
C GLU C 306 -18.04 44.53 15.14
N LYS C 307 -18.96 43.63 15.46
CA LYS C 307 -18.79 42.78 16.63
C LYS C 307 -17.77 41.67 16.41
N ILE C 308 -17.41 41.38 15.16
CA ILE C 308 -16.24 40.55 14.91
C ILE C 308 -15.00 41.22 15.49
N MET C 309 -14.87 42.52 15.26
CA MET C 309 -13.72 43.27 15.77
C MET C 309 -13.90 43.62 17.24
N GLU C 310 -15.13 43.93 17.66
CA GLU C 310 -15.36 44.21 19.08
C GLU C 310 -15.08 42.98 19.92
N ASN C 311 -15.30 41.78 19.37
CA ASN C 311 -14.89 40.56 20.06
C ASN C 311 -13.38 40.49 20.19
N LEU C 312 -12.66 40.88 19.13
CA LEU C 312 -11.20 40.91 19.19
C LEU C 312 -10.72 41.88 20.27
N LYS C 313 -11.36 43.04 20.35
CA LYS C 313 -10.99 44.00 21.39
C LYS C 313 -11.30 43.45 22.78
N ASN C 314 -12.51 42.94 22.97
CA ASN C 314 -12.85 42.30 24.25
C ASN C 314 -11.90 41.15 24.56
N ALA C 315 -11.39 40.48 23.53
CA ALA C 315 -10.42 39.40 23.72
C ALA C 315 -9.00 39.90 23.86
N GLU C 316 -8.76 41.21 23.71
CA GLU C 316 -7.42 41.78 23.83
C GLU C 316 -6.51 41.26 22.72
N ILE C 317 -7.04 41.18 21.50
CA ILE C 317 -6.32 40.65 20.35
C ILE C 317 -6.19 41.76 19.33
N GLU C 318 -4.96 42.06 18.93
CA GLU C 318 -4.71 43.14 17.99
C GLU C 318 -4.80 42.61 16.56
N PRO C 319 -5.72 43.13 15.71
CA PRO C 319 -5.81 42.63 14.33
C PRO C 319 -4.48 42.69 13.58
N ASP C 320 -4.46 42.14 12.36
CA ASP C 320 -3.26 42.11 11.55
C ASP C 320 -3.61 42.74 10.19
N ASP C 321 -2.77 42.45 9.18
CA ASP C 321 -2.97 43.01 7.84
C ASP C 321 -4.00 42.21 7.06
N TYR C 322 -3.83 40.89 7.00
CA TYR C 322 -4.73 40.06 6.22
C TYR C 322 -6.16 40.14 6.75
N PHE C 323 -6.33 40.39 8.05
CA PHE C 323 -7.66 40.63 8.60
C PHE C 323 -8.20 41.97 8.09
N MET C 324 -7.45 43.05 8.31
CA MET C 324 -7.86 44.36 7.82
C MET C 324 -7.96 44.38 6.30
N SER C 325 -7.17 43.55 5.62
CA SER C 325 -7.23 43.49 4.16
C SER C 325 -8.64 43.23 3.69
N ARG C 326 -9.26 42.15 4.17
CA ARG C 326 -10.63 41.83 3.79
C ARG C 326 -11.64 42.60 4.62
N TYR C 327 -11.31 42.93 5.86
CA TYR C 327 -12.21 43.73 6.69
C TYR C 327 -12.56 45.05 6.02
N GLU C 328 -11.61 45.61 5.25
CA GLU C 328 -11.89 46.85 4.52
C GLU C 328 -12.77 46.58 3.31
N LYS C 329 -12.51 45.51 2.58
CA LYS C 329 -13.30 45.16 1.41
C LYS C 329 -14.72 44.81 1.82
N ALA D 37 -5.22 1.97 -5.85
CA ALA D 37 -4.72 3.26 -6.28
C ALA D 37 -4.35 4.12 -5.08
N GLU D 38 -5.34 4.78 -4.48
CA GLU D 38 -5.09 5.52 -3.25
C GLU D 38 -5.03 4.57 -2.05
N LYS D 39 -5.86 3.52 -2.05
CA LYS D 39 -5.78 2.51 -1.00
C LYS D 39 -4.35 1.99 -0.84
N ALA D 40 -3.55 2.04 -1.91
CA ALA D 40 -2.18 1.56 -1.83
C ALA D 40 -1.38 2.31 -0.77
N VAL D 41 -1.56 3.64 -0.70
CA VAL D 41 -0.76 4.43 0.22
C VAL D 41 -1.37 4.43 1.62
N LEU D 42 -2.69 4.24 1.73
CA LEU D 42 -3.30 4.13 3.05
C LEU D 42 -2.67 2.98 3.84
N GLU D 43 -2.57 1.80 3.24
CA GLU D 43 -2.00 0.63 3.90
C GLU D 43 -0.50 0.48 3.64
N GLN D 44 0.22 1.58 3.44
CA GLN D 44 1.67 1.49 3.33
C GLN D 44 2.27 0.78 4.53
N PHE D 45 1.66 0.95 5.70
CA PHE D 45 2.08 0.27 6.93
C PHE D 45 1.01 -0.68 7.45
N GLY D 46 -0.01 -0.99 6.65
CA GLY D 46 -1.07 -1.88 7.08
C GLY D 46 -2.14 -1.17 7.88
N PHE D 47 -3.38 -1.66 7.78
CA PHE D 47 -4.46 -1.14 8.59
C PHE D 47 -4.33 -1.66 10.02
N PRO D 48 -4.97 -0.99 10.98
CA PRO D 48 -4.95 -1.49 12.35
C PRO D 48 -5.68 -2.81 12.48
N LEU D 49 -5.18 -3.66 13.37
CA LEU D 49 -5.72 -5.01 13.56
C LEU D 49 -6.68 -5.01 14.74
N THR D 50 -7.92 -5.43 14.48
CA THR D 50 -8.89 -5.56 15.56
C THR D 50 -8.77 -6.90 16.27
N GLY D 51 -8.26 -7.93 15.58
CA GLY D 51 -8.10 -9.23 16.20
C GLY D 51 -9.39 -9.98 16.42
N THR D 52 -10.39 -9.75 15.57
CA THR D 52 -11.70 -10.35 15.72
C THR D 52 -11.91 -11.56 14.82
N GLU D 53 -10.86 -12.04 14.18
CA GLU D 53 -10.98 -13.20 13.31
C GLU D 53 -11.43 -14.41 14.11
N ALA D 54 -12.18 -15.29 13.46
CA ALA D 54 -12.70 -16.47 14.13
C ALA D 54 -11.58 -17.47 14.40
N ARG D 55 -11.50 -17.95 15.63
CA ARG D 55 -10.51 -18.94 16.05
C ARG D 55 -11.22 -20.27 16.27
N CYS D 56 -10.88 -21.27 15.47
CA CYS D 56 -11.53 -22.56 15.51
C CYS D 56 -10.79 -23.53 16.41
N TYR D 57 -11.54 -24.33 17.16
CA TYR D 57 -10.96 -25.36 18.02
C TYR D 57 -11.62 -26.70 17.73
N THR D 58 -11.35 -27.71 18.54
CA THR D 58 -11.79 -29.06 18.21
C THR D 58 -13.31 -29.17 18.23
N ASN D 59 -13.98 -28.45 19.14
CA ASN D 59 -15.42 -28.53 19.24
C ASN D 59 -16.10 -27.17 19.40
N HIS D 60 -15.38 -26.07 19.22
CA HIS D 60 -15.98 -24.75 19.35
C HIS D 60 -15.12 -23.71 18.65
N ALA D 61 -15.76 -22.66 18.17
CA ALA D 61 -15.10 -21.50 17.60
C ALA D 61 -15.43 -20.27 18.44
N LEU D 62 -14.70 -19.18 18.18
CA LEU D 62 -14.91 -17.96 18.96
C LEU D 62 -14.28 -16.79 18.24
N SER D 63 -14.87 -15.62 18.44
CA SER D 63 -14.26 -14.34 18.08
C SER D 63 -13.88 -13.61 19.36
N TYR D 64 -12.61 -13.22 19.47
CA TYR D 64 -12.09 -12.62 20.68
C TYR D 64 -12.22 -11.10 20.62
N ASP D 65 -12.57 -10.50 21.75
CA ASP D 65 -12.60 -9.05 21.91
C ASP D 65 -11.37 -8.65 22.71
N GLN D 66 -10.38 -8.07 22.02
CA GLN D 66 -9.10 -7.77 22.65
C GLN D 66 -9.20 -6.61 23.64
N ALA D 67 -10.18 -5.71 23.48
CA ALA D 67 -10.35 -4.65 24.46
C ALA D 67 -10.92 -5.19 25.76
N LYS D 68 -12.06 -5.87 25.69
CA LYS D 68 -12.69 -6.43 26.88
C LYS D 68 -11.98 -7.68 27.38
N ARG D 69 -11.15 -8.31 26.56
CA ARG D 69 -10.38 -9.49 26.96
C ARG D 69 -11.29 -10.66 27.27
N VAL D 70 -12.38 -10.79 26.52
CA VAL D 70 -13.31 -11.91 26.61
C VAL D 70 -13.89 -12.13 25.22
N PRO D 71 -14.58 -13.24 24.97
CA PRO D 71 -15.10 -13.48 23.61
C PRO D 71 -16.37 -12.71 23.34
N ARG D 72 -16.60 -12.44 22.05
CA ARG D 72 -17.87 -11.88 21.61
C ARG D 72 -18.92 -12.97 21.50
N TRP D 73 -18.58 -14.06 20.83
CA TRP D 73 -19.46 -15.20 20.65
C TRP D 73 -18.63 -16.48 20.70
N VAL D 74 -19.29 -17.57 21.09
CA VAL D 74 -18.68 -18.90 21.09
C VAL D 74 -19.70 -19.85 20.49
N LEU D 75 -19.37 -20.40 19.33
CA LEU D 75 -20.26 -21.31 18.59
C LEU D 75 -19.81 -22.74 18.81
N GLU D 76 -20.69 -23.56 19.37
CA GLU D 76 -20.43 -24.96 19.63
C GLU D 76 -21.42 -25.83 18.87
N HIS D 77 -21.16 -27.14 18.88
CA HIS D 77 -22.12 -28.13 18.41
C HIS D 77 -22.20 -29.25 19.44
N ILE D 78 -23.42 -29.71 19.70
CA ILE D 78 -23.67 -30.72 20.71
C ILE D 78 -24.34 -31.93 20.06
N SER D 79 -24.05 -33.10 20.60
CA SER D 79 -24.70 -34.34 20.20
C SER D 79 -24.50 -35.34 21.33
N LYS D 80 -25.37 -36.36 21.37
CA LYS D 80 -25.30 -37.32 22.47
C LYS D 80 -23.96 -38.04 22.50
N SER D 81 -23.29 -38.15 21.35
CA SER D 81 -21.97 -38.77 21.33
C SER D 81 -20.95 -37.92 22.08
N LYS D 82 -21.05 -36.60 21.97
CA LYS D 82 -20.04 -35.73 22.55
C LYS D 82 -20.16 -35.63 24.06
N ILE D 83 -21.37 -35.79 24.60
CA ILE D 83 -21.58 -35.62 26.04
C ILE D 83 -21.32 -36.92 26.77
N MET D 84 -20.83 -37.94 26.04
CA MET D 84 -20.49 -39.23 26.62
C MET D 84 -19.00 -39.44 26.47
N GLY D 85 -18.29 -39.50 27.60
CA GLY D 85 -16.85 -39.68 27.56
C GLY D 85 -16.30 -39.75 28.97
N ASP D 86 -14.99 -39.98 29.05
CA ASP D 86 -14.30 -40.13 30.32
C ASP D 86 -13.39 -38.95 30.62
N ALA D 87 -13.66 -37.79 30.03
CA ALA D 87 -12.87 -36.59 30.31
C ALA D 87 -13.39 -35.92 31.56
N ASP D 88 -12.52 -35.73 32.55
CA ASP D 88 -12.90 -35.13 33.82
C ASP D 88 -12.63 -33.64 33.78
N ARG D 89 -13.54 -32.87 34.38
CA ARG D 89 -13.53 -31.41 34.23
C ARG D 89 -12.54 -30.72 35.15
N LYS D 90 -12.20 -31.31 36.29
CA LYS D 90 -11.20 -30.72 37.18
C LYS D 90 -9.81 -31.33 37.00
N HIS D 91 -9.61 -32.12 35.96
CA HIS D 91 -8.26 -32.45 35.54
C HIS D 91 -7.61 -31.31 34.75
N CYS D 92 -8.43 -30.45 34.15
CA CYS D 92 -7.94 -29.33 33.34
C CYS D 92 -7.76 -28.10 34.22
N LYS D 93 -7.19 -27.06 33.62
CA LYS D 93 -6.85 -25.84 34.34
C LYS D 93 -7.22 -24.62 33.49
N PHE D 94 -7.65 -23.56 34.16
CA PHE D 94 -7.82 -22.28 33.49
C PHE D 94 -6.45 -21.68 33.21
N LYS D 95 -6.21 -21.34 31.94
CA LYS D 95 -4.92 -20.78 31.54
C LYS D 95 -5.13 -19.90 30.32
N PRO D 96 -4.33 -18.85 30.15
CA PRO D 96 -4.44 -18.03 28.94
C PRO D 96 -4.30 -18.86 27.67
N ASP D 97 -5.16 -18.57 26.72
CA ASP D 97 -5.08 -19.19 25.40
C ASP D 97 -3.77 -18.81 24.74
N PRO D 98 -2.88 -19.76 24.45
CA PRO D 98 -1.58 -19.39 23.85
C PRO D 98 -1.71 -18.75 22.48
N ASN D 99 -2.83 -18.94 21.81
CA ASN D 99 -3.03 -18.34 20.49
C ASN D 99 -3.48 -16.88 20.57
N ILE D 100 -3.81 -16.39 21.77
CA ILE D 100 -4.15 -14.98 21.95
C ILE D 100 -2.85 -14.21 22.18
N PRO D 101 -2.65 -13.07 21.54
CA PRO D 101 -1.47 -12.25 21.86
C PRO D 101 -1.43 -11.95 23.35
N PRO D 102 -0.32 -12.25 24.04
CA PRO D 102 -0.28 -12.01 25.50
C PRO D 102 -0.65 -10.59 25.89
N THR D 103 -0.52 -9.60 25.00
CA THR D 103 -0.84 -8.22 25.33
C THR D 103 -2.34 -7.99 25.44
N PHE D 104 -3.18 -8.92 24.99
CA PHE D 104 -4.63 -8.74 24.97
C PHE D 104 -5.37 -9.90 25.62
N SER D 105 -4.68 -10.74 26.37
CA SER D 105 -5.30 -11.89 27.02
C SER D 105 -5.60 -11.58 28.48
N ALA D 106 -6.59 -12.28 29.02
CA ALA D 106 -6.85 -12.24 30.45
C ALA D 106 -5.90 -13.20 31.17
N PHE D 107 -5.91 -13.14 32.49
CA PHE D 107 -5.05 -13.99 33.29
C PHE D 107 -5.75 -14.32 34.60
N ASN D 108 -5.34 -15.43 35.22
CA ASN D 108 -5.97 -15.85 36.47
C ASN D 108 -5.90 -14.75 37.51
N GLU D 109 -4.82 -13.96 37.51
CA GLU D 109 -4.71 -12.83 38.42
C GLU D 109 -5.94 -11.92 38.33
N ASP D 110 -6.48 -11.77 37.11
CA ASP D 110 -7.61 -10.87 36.92
C ASP D 110 -8.85 -11.40 37.65
N TYR D 111 -9.12 -12.69 37.54
CA TYR D 111 -10.32 -13.26 38.14
C TYR D 111 -10.14 -13.51 39.63
N VAL D 112 -9.02 -14.13 40.02
CA VAL D 112 -8.82 -14.49 41.41
C VAL D 112 -8.96 -13.25 42.28
N GLY D 113 -9.75 -13.37 43.35
CA GLY D 113 -9.99 -12.27 44.26
C GLY D 113 -11.01 -11.25 43.78
N SER D 114 -11.39 -11.27 42.50
CA SER D 114 -12.28 -10.27 41.96
C SER D 114 -13.71 -10.40 42.46
N GLY D 115 -14.03 -11.44 43.21
CA GLY D 115 -15.42 -11.72 43.52
C GLY D 115 -16.25 -12.18 42.34
N TRP D 116 -15.60 -12.56 41.24
CA TRP D 116 -16.28 -13.09 40.06
C TRP D 116 -15.64 -14.41 39.68
N SER D 117 -16.44 -15.30 39.11
CA SER D 117 -16.00 -16.63 38.75
C SER D 117 -15.74 -16.75 37.26
N ARG D 118 -14.76 -17.57 36.91
CA ARG D 118 -14.43 -17.84 35.52
C ARG D 118 -15.51 -18.73 34.92
N GLY D 119 -16.45 -18.12 34.19
CA GLY D 119 -17.53 -18.85 33.55
C GLY D 119 -17.25 -19.06 32.08
N ALA D 120 -17.40 -20.30 31.63
CA ALA D 120 -17.12 -20.65 30.26
C ALA D 120 -18.39 -20.58 29.40
N MET D 121 -18.26 -20.02 28.21
CA MET D 121 -19.38 -19.95 27.28
C MET D 121 -19.63 -21.30 26.61
N ALA D 122 -18.56 -21.98 26.18
CA ALA D 122 -18.68 -23.34 25.68
C ALA D 122 -18.47 -24.28 26.84
N PRO D 123 -19.51 -24.98 27.34
CA PRO D 123 -19.34 -25.74 28.58
C PRO D 123 -18.46 -26.96 28.40
N ALA D 124 -17.73 -27.29 29.46
CA ALA D 124 -16.91 -28.51 29.45
C ALA D 124 -17.78 -29.75 29.29
N GLY D 125 -18.92 -29.80 29.98
CA GLY D 125 -19.81 -30.95 29.91
C GLY D 125 -20.23 -31.32 28.50
N ASN D 126 -20.12 -30.39 27.56
CA ASN D 126 -20.40 -30.66 26.15
C ASN D 126 -19.19 -31.20 25.41
N ASN D 127 -18.14 -31.62 26.14
CA ASN D 127 -16.91 -32.07 25.51
C ASN D 127 -16.33 -33.28 26.24
N LYS D 128 -17.18 -34.14 26.79
CA LYS D 128 -16.68 -35.30 27.53
C LYS D 128 -16.01 -36.30 26.60
N PHE D 129 -16.46 -36.39 25.35
CA PHE D 129 -15.91 -37.38 24.43
C PHE D 129 -14.42 -37.16 24.21
N SER D 130 -13.98 -35.90 24.18
CA SER D 130 -12.60 -35.55 23.84
C SER D 130 -12.00 -34.72 24.97
N SER D 131 -11.02 -35.30 25.67
CA SER D 131 -10.32 -34.57 26.72
C SER D 131 -9.59 -33.35 26.19
N LYS D 132 -9.37 -33.28 24.88
CA LYS D 132 -8.72 -32.11 24.29
C LYS D 132 -9.69 -30.95 24.16
N ALA D 133 -10.85 -31.19 23.55
CA ALA D 133 -11.86 -30.14 23.43
C ALA D 133 -12.19 -29.53 24.78
N MET D 134 -12.32 -30.37 25.81
CA MET D 134 -12.59 -29.86 27.14
C MET D 134 -11.49 -28.93 27.61
N ALA D 135 -10.23 -29.32 27.38
CA ALA D 135 -9.11 -28.47 27.79
C ALA D 135 -9.16 -27.12 27.09
N GLU D 136 -9.54 -27.11 25.81
CA GLU D 136 -9.58 -25.86 25.06
C GLU D 136 -10.68 -24.93 25.57
N THR D 137 -11.73 -25.48 26.18
CA THR D 137 -12.78 -24.67 26.77
C THR D 137 -12.35 -24.03 28.09
N PHE D 138 -11.16 -24.37 28.59
CA PHE D 138 -10.58 -23.68 29.73
C PHE D 138 -9.65 -22.55 29.31
N TYR D 139 -9.37 -22.43 28.01
CA TYR D 139 -8.72 -21.23 27.50
C TYR D 139 -9.52 -20.00 27.89
N LEU D 140 -8.86 -19.05 28.53
CA LEU D 140 -9.56 -17.85 28.99
C LEU D 140 -10.30 -17.15 27.86
N SER D 141 -9.92 -17.40 26.60
CA SER D 141 -10.66 -16.85 25.48
C SER D 141 -12.09 -17.37 25.42
N ASN D 142 -12.38 -18.45 26.13
CA ASN D 142 -13.73 -19.00 26.24
C ASN D 142 -14.40 -18.59 27.55
N ILE D 143 -13.84 -17.62 28.26
CA ILE D 143 -14.26 -17.31 29.63
C ILE D 143 -14.72 -15.87 29.72
N VAL D 144 -15.65 -15.64 30.64
CA VAL D 144 -16.05 -14.29 31.02
C VAL D 144 -16.16 -14.23 32.54
N PRO D 145 -16.13 -13.02 33.11
CA PRO D 145 -16.40 -12.89 34.55
C PRO D 145 -17.88 -13.09 34.84
N GLN D 146 -18.23 -14.24 35.42
CA GLN D 146 -19.62 -14.61 35.63
C GLN D 146 -19.93 -14.69 37.12
N ASP D 147 -21.14 -14.28 37.47
CA ASP D 147 -21.61 -14.40 38.85
C ASP D 147 -21.58 -15.86 39.26
N PHE D 148 -20.92 -16.15 40.39
CA PHE D 148 -20.72 -17.51 40.84
C PHE D 148 -22.03 -18.28 40.90
N ASP D 149 -22.99 -17.77 41.68
CA ASP D 149 -24.29 -18.43 41.78
C ASP D 149 -24.93 -18.60 40.41
N ASN D 150 -24.77 -17.62 39.53
CA ASN D 150 -25.33 -17.72 38.18
C ASN D 150 -24.62 -18.80 37.38
N ASN D 151 -23.29 -18.74 37.33
CA ASN D 151 -22.52 -19.72 36.58
C ASN D 151 -22.82 -21.14 37.05
N SER D 152 -22.80 -21.35 38.37
CA SER D 152 -23.06 -22.66 38.95
C SER D 152 -24.54 -22.95 39.14
N GLY D 153 -25.41 -21.95 38.93
CA GLY D 153 -26.83 -22.12 39.20
C GLY D 153 -27.67 -22.07 37.95
N TYR D 154 -28.33 -20.94 37.72
CA TYR D 154 -29.33 -20.86 36.65
C TYR D 154 -28.70 -21.14 35.29
N TRP D 155 -27.55 -20.51 35.02
CA TRP D 155 -26.87 -20.72 33.74
C TRP D 155 -26.57 -22.21 33.53
N ASN D 156 -26.20 -22.91 34.60
CA ASN D 156 -25.93 -24.34 34.51
C ASN D 156 -27.13 -25.07 33.92
N ARG D 157 -28.31 -24.86 34.50
CA ARG D 157 -29.50 -25.54 34.00
C ARG D 157 -29.77 -25.25 32.53
N ILE D 158 -29.36 -24.07 32.05
CA ILE D 158 -29.56 -23.75 30.65
C ILE D 158 -28.60 -24.57 29.79
N GLU D 159 -27.38 -24.79 30.28
CA GLU D 159 -26.44 -25.66 29.58
C GLU D 159 -26.93 -27.10 29.58
N MET D 160 -27.41 -27.57 30.73
CA MET D 160 -27.99 -28.92 30.79
C MET D 160 -29.15 -29.06 29.82
N TYR D 161 -30.10 -28.12 29.87
CA TYR D 161 -31.23 -28.16 28.95
C TYR D 161 -30.75 -28.22 27.51
N CYS D 162 -29.60 -27.63 27.20
CA CYS D 162 -29.03 -27.77 25.86
C CYS D 162 -28.54 -29.19 25.63
N ARG D 163 -27.82 -29.75 26.60
CA ARG D 163 -27.46 -31.17 26.53
C ARG D 163 -28.72 -32.04 26.48
N GLU D 164 -29.72 -31.70 27.29
CA GLU D 164 -30.97 -32.46 27.33
C GLU D 164 -31.69 -32.45 25.99
N LEU D 165 -31.37 -31.50 25.10
CA LEU D 165 -32.02 -31.44 23.80
C LEU D 165 -31.44 -32.46 22.81
N THR D 166 -30.25 -33.01 23.09
CA THR D 166 -29.71 -34.04 22.22
C THR D 166 -30.57 -35.29 22.21
N GLU D 167 -31.39 -35.50 23.25
CA GLU D 167 -32.29 -36.64 23.29
C GLU D 167 -33.39 -36.50 22.23
N ARG D 168 -33.95 -35.30 22.11
CA ARG D 168 -35.09 -35.04 21.23
C ARG D 168 -34.68 -34.41 19.90
N PHE D 169 -33.45 -33.92 19.80
CA PHE D 169 -32.86 -33.50 18.53
C PHE D 169 -31.51 -34.17 18.41
N GLU D 170 -31.15 -34.56 17.19
CA GLU D 170 -29.87 -35.24 16.99
C GLU D 170 -28.73 -34.27 16.71
N ASP D 171 -29.03 -32.99 16.45
CA ASP D 171 -28.00 -31.99 16.17
C ASP D 171 -28.43 -30.68 16.81
N VAL D 172 -27.58 -30.16 17.70
CA VAL D 172 -27.85 -28.93 18.42
C VAL D 172 -26.68 -27.98 18.21
N TRP D 173 -26.98 -26.76 17.78
CA TRP D 173 -26.01 -25.68 17.69
C TRP D 173 -26.32 -24.63 18.74
N VAL D 174 -25.27 -24.07 19.35
CA VAL D 174 -25.42 -23.09 20.41
C VAL D 174 -24.37 -22.01 20.22
N VAL D 175 -24.80 -20.74 20.28
CA VAL D 175 -23.90 -19.59 20.32
C VAL D 175 -24.10 -18.89 21.65
N SER D 176 -23.03 -18.81 22.43
CA SER D 176 -23.08 -18.22 23.77
C SER D 176 -22.10 -17.06 23.84
N GLY D 177 -22.58 -15.90 24.27
CA GLY D 177 -21.74 -14.73 24.38
C GLY D 177 -22.20 -13.80 25.49
N PRO D 178 -21.39 -12.77 25.79
CA PRO D 178 -21.75 -11.83 26.86
C PRO D 178 -22.29 -10.53 26.32
N LEU D 179 -22.96 -9.75 27.18
CA LEU D 179 -23.49 -8.45 26.81
C LEU D 179 -23.26 -7.45 27.92
N THR D 180 -22.99 -6.20 27.53
CA THR D 180 -22.98 -5.06 28.44
C THR D 180 -24.10 -4.14 27.98
N LEU D 181 -25.31 -4.43 28.41
CA LEU D 181 -26.48 -3.73 27.91
C LEU D 181 -26.72 -2.45 28.71
N PRO D 182 -27.53 -1.53 28.19
CA PRO D 182 -27.77 -0.27 28.88
C PRO D 182 -29.02 -0.33 29.76
N GLN D 183 -29.17 0.72 30.58
CA GLN D 183 -30.35 0.90 31.41
C GLN D 183 -30.65 2.39 31.49
N THR D 184 -31.92 2.74 31.38
CA THR D 184 -32.31 4.14 31.44
C THR D 184 -32.16 4.67 32.86
N ARG D 185 -32.14 5.99 32.97
CA ARG D 185 -31.90 6.66 34.24
C ARG D 185 -33.08 7.55 34.60
N GLY D 186 -33.06 8.07 35.84
CA GLY D 186 -34.15 8.90 36.31
C GLY D 186 -34.52 9.99 35.33
N ASP D 187 -33.52 10.57 34.66
CA ASP D 187 -33.76 11.63 33.69
C ASP D 187 -33.87 11.11 32.26
N GLY D 188 -34.06 9.80 32.08
CA GLY D 188 -34.31 9.23 30.78
C GLY D 188 -33.09 8.86 29.97
N LYS D 189 -31.89 9.22 30.42
CA LYS D 189 -30.68 8.94 29.67
C LYS D 189 -30.31 7.47 29.81
N LYS D 190 -29.99 6.84 28.69
CA LYS D 190 -29.54 5.45 28.66
C LYS D 190 -28.04 5.40 28.88
N ILE D 191 -27.59 4.49 29.73
CA ILE D 191 -26.18 4.41 30.12
C ILE D 191 -25.76 2.96 30.19
N VAL D 192 -24.72 2.61 29.45
CA VAL D 192 -24.06 1.32 29.60
C VAL D 192 -23.07 1.43 30.76
N SER D 193 -23.10 0.46 31.67
CA SER D 193 -22.16 0.43 32.79
C SER D 193 -21.78 -1.02 33.07
N TYR D 194 -20.49 -1.27 33.21
CA TYR D 194 -20.01 -2.62 33.50
C TYR D 194 -18.62 -2.52 34.12
N GLN D 195 -18.35 -3.42 35.07
CA GLN D 195 -17.07 -3.42 35.76
C GLN D 195 -15.97 -4.00 34.88
N VAL D 196 -14.73 -3.74 35.27
CA VAL D 196 -13.56 -4.38 34.69
C VAL D 196 -12.67 -4.84 35.83
N ILE D 197 -12.22 -6.09 35.76
CA ILE D 197 -11.49 -6.73 36.85
C ILE D 197 -10.07 -7.01 36.42
N GLY D 198 -9.14 -6.88 37.36
CA GLY D 198 -7.75 -7.23 37.11
C GLY D 198 -6.96 -6.09 36.48
N GLU D 199 -5.64 -6.21 36.58
CA GLU D 199 -4.77 -5.24 35.92
C GLU D 199 -5.06 -5.16 34.44
N ASP D 200 -5.51 -6.26 33.84
CA ASP D 200 -5.83 -6.29 32.41
C ASP D 200 -7.21 -5.71 32.11
N ASN D 201 -8.02 -5.44 33.13
CA ASN D 201 -9.35 -4.84 32.96
C ASN D 201 -10.22 -5.70 32.05
N VAL D 202 -10.63 -6.84 32.61
CA VAL D 202 -11.50 -7.79 31.91
C VAL D 202 -12.94 -7.39 32.17
N ALA D 203 -13.69 -7.13 31.10
CA ALA D 203 -15.05 -6.63 31.23
C ALA D 203 -15.95 -7.67 31.89
N VAL D 204 -16.75 -7.23 32.86
CA VAL D 204 -17.73 -8.09 33.53
C VAL D 204 -19.08 -7.79 32.90
N PRO D 205 -19.69 -8.74 32.18
CA PRO D 205 -20.93 -8.44 31.46
C PRO D 205 -22.14 -8.33 32.38
N SER D 206 -23.12 -7.56 31.91
CA SER D 206 -24.38 -7.38 32.64
C SER D 206 -25.35 -8.51 32.34
N HIS D 207 -25.36 -9.01 31.12
CA HIS D 207 -26.23 -10.11 30.73
C HIS D 207 -25.46 -11.06 29.82
N LEU D 208 -25.92 -12.31 29.77
CA LEU D 208 -25.38 -13.33 28.90
C LEU D 208 -26.45 -13.78 27.93
N TYR D 209 -26.07 -14.02 26.68
CA TYR D 209 -26.98 -14.53 25.68
C TYR D 209 -26.56 -15.92 25.24
N LYS D 210 -27.54 -16.70 24.79
CA LYS D 210 -27.29 -18.05 24.30
C LYS D 210 -28.34 -18.34 23.23
N VAL D 211 -27.91 -18.38 21.98
CA VAL D 211 -28.78 -18.78 20.87
C VAL D 211 -28.72 -20.30 20.75
N ILE D 212 -29.86 -20.92 20.46
CA ILE D 212 -29.96 -22.37 20.36
C ILE D 212 -30.63 -22.69 19.03
N LEU D 213 -29.91 -23.43 18.18
CA LEU D 213 -30.43 -23.87 16.89
C LEU D 213 -30.36 -25.39 16.85
N ALA D 214 -31.53 -26.04 16.96
CA ALA D 214 -31.62 -27.49 17.04
C ALA D 214 -32.28 -28.04 15.78
N ARG D 215 -31.85 -29.23 15.37
CA ARG D 215 -32.42 -29.94 14.25
C ARG D 215 -32.73 -31.36 14.67
N ARG D 216 -33.96 -31.81 14.41
CA ARG D 216 -34.43 -33.09 14.96
C ARG D 216 -33.49 -34.23 14.58
N SER D 217 -33.33 -34.49 13.29
CA SER D 217 -32.49 -35.58 12.85
C SER D 217 -31.99 -35.30 11.44
N SER D 218 -30.81 -35.85 11.12
CA SER D 218 -30.29 -35.74 9.77
C SER D 218 -31.13 -36.53 8.79
N VAL D 219 -31.77 -37.60 9.25
CA VAL D 219 -32.68 -38.36 8.39
C VAL D 219 -33.97 -37.59 8.15
N SER D 220 -34.53 -37.01 9.21
CA SER D 220 -35.75 -36.22 9.08
C SER D 220 -35.46 -34.91 8.34
N THR D 221 -36.53 -34.18 8.05
CA THR D 221 -36.42 -32.84 7.47
C THR D 221 -37.36 -31.87 8.17
N GLU D 222 -37.79 -32.17 9.39
CA GLU D 222 -38.63 -31.28 10.19
C GLU D 222 -37.99 -29.89 10.23
N PRO D 223 -38.79 -28.81 10.26
CA PRO D 223 -38.20 -27.47 10.32
C PRO D 223 -37.23 -27.32 11.49
N LEU D 224 -36.39 -26.30 11.43
CA LEU D 224 -35.39 -26.08 12.47
C LEU D 224 -35.99 -25.30 13.64
N ALA D 225 -35.49 -25.59 14.83
CA ALA D 225 -35.93 -24.94 16.05
C ALA D 225 -34.88 -23.94 16.51
N LEU D 226 -35.29 -22.69 16.70
CA LEU D 226 -34.37 -21.64 17.11
C LEU D 226 -35.02 -20.71 18.12
N GLY D 227 -34.24 -20.33 19.13
CA GLY D 227 -34.69 -19.37 20.12
C GLY D 227 -33.53 -18.67 20.81
N ALA D 228 -33.63 -17.36 20.94
CA ALA D 228 -32.61 -16.56 21.62
C ALA D 228 -33.04 -16.30 23.06
N PHE D 229 -32.04 -16.18 23.94
CA PHE D 229 -32.31 -15.98 25.35
C PHE D 229 -31.24 -15.08 25.95
N VAL D 230 -31.66 -14.14 26.78
CA VAL D 230 -30.76 -13.19 27.43
C VAL D 230 -31.09 -13.16 28.91
N VAL D 231 -30.15 -13.60 29.74
CA VAL D 231 -30.34 -13.65 31.19
C VAL D 231 -29.35 -12.69 31.85
N PRO D 232 -29.70 -12.07 32.96
CA PRO D 232 -28.75 -11.20 33.65
C PRO D 232 -27.62 -12.02 34.27
N ASN D 233 -26.59 -11.30 34.70
CA ASN D 233 -25.41 -11.94 35.29
C ASN D 233 -25.48 -11.88 36.81
N GLU D 234 -26.57 -12.40 37.36
CA GLU D 234 -26.83 -12.37 38.79
C GLU D 234 -27.48 -13.68 39.21
N ALA D 235 -27.69 -13.81 40.52
CA ALA D 235 -28.32 -15.01 41.05
C ALA D 235 -29.79 -15.05 40.67
N ILE D 236 -30.23 -16.19 40.12
CA ILE D 236 -31.60 -16.38 39.67
C ILE D 236 -32.09 -17.71 40.22
N GLY D 237 -33.27 -17.71 40.82
CA GLY D 237 -33.84 -18.91 41.39
C GLY D 237 -34.52 -19.77 40.34
N PHE D 238 -35.19 -20.82 40.83
CA PHE D 238 -35.94 -21.71 39.96
C PHE D 238 -37.31 -21.15 39.58
N GLN D 239 -37.75 -20.07 40.22
CA GLN D 239 -39.08 -19.55 39.97
C GLN D 239 -39.27 -19.09 38.53
N PRO D 240 -38.36 -18.33 37.93
CA PRO D 240 -38.57 -17.90 36.54
C PRO D 240 -38.21 -18.98 35.55
N GLN D 241 -39.07 -19.16 34.55
CA GLN D 241 -38.83 -20.12 33.48
C GLN D 241 -38.02 -19.46 32.36
N LEU D 242 -37.30 -20.30 31.61
CA LEU D 242 -36.43 -19.79 30.55
C LEU D 242 -37.21 -18.96 29.54
N THR D 243 -38.51 -19.22 29.40
CA THR D 243 -39.32 -18.45 28.46
C THR D 243 -39.44 -16.98 28.88
N GLU D 244 -39.21 -16.66 30.15
CA GLU D 244 -39.21 -15.26 30.57
C GLU D 244 -38.05 -14.50 29.94
N PHE D 245 -36.88 -15.13 29.87
CA PHE D 245 -35.68 -14.47 29.36
C PHE D 245 -35.54 -14.56 27.85
N GLN D 246 -36.51 -15.14 27.17
CA GLN D 246 -36.43 -15.26 25.72
C GLN D 246 -36.63 -13.91 25.05
N VAL D 247 -36.03 -13.75 23.87
CA VAL D 247 -36.12 -12.52 23.09
C VAL D 247 -36.07 -12.89 21.61
N SER D 248 -36.56 -11.99 20.78
CA SER D 248 -36.46 -12.18 19.33
C SER D 248 -34.99 -12.15 18.89
N LEU D 249 -34.73 -12.77 17.75
CA LEU D 249 -33.35 -12.85 17.27
C LEU D 249 -32.83 -11.50 16.83
N GLN D 250 -33.63 -10.73 16.09
CA GLN D 250 -33.16 -9.42 15.63
C GLN D 250 -32.85 -8.50 16.80
N ASP D 251 -33.59 -8.61 17.90
CA ASP D 251 -33.29 -7.82 19.08
C ASP D 251 -31.90 -8.19 19.62
N LEU D 252 -31.67 -9.48 19.86
CA LEU D 252 -30.35 -9.92 20.30
C LEU D 252 -29.29 -9.57 19.28
N GLU D 253 -29.65 -9.53 17.99
CA GLU D 253 -28.67 -9.17 16.97
C GLU D 253 -28.37 -7.68 17.00
N LYS D 254 -29.38 -6.85 17.29
CA LYS D 254 -29.14 -5.41 17.41
C LYS D 254 -28.37 -5.09 18.68
N LEU D 255 -28.74 -5.69 19.81
CA LEU D 255 -28.06 -5.41 21.07
C LEU D 255 -26.67 -6.02 21.14
N SER D 256 -26.30 -6.90 20.21
CA SER D 256 -24.99 -7.51 20.20
C SER D 256 -24.12 -7.06 19.05
N GLY D 257 -24.69 -6.46 18.01
CA GLY D 257 -23.93 -6.14 16.82
C GLY D 257 -23.47 -7.35 16.06
N LEU D 258 -24.22 -8.45 16.12
CA LEU D 258 -23.85 -9.71 15.50
C LEU D 258 -24.98 -10.21 14.61
N VAL D 259 -24.61 -11.02 13.63
CA VAL D 259 -25.55 -11.75 12.79
C VAL D 259 -25.28 -13.22 13.00
N PHE D 260 -26.24 -13.94 13.57
CA PHE D 260 -26.06 -15.34 13.92
C PHE D 260 -26.51 -16.25 12.78
N PHE D 261 -25.75 -17.32 12.55
CA PHE D 261 -26.03 -18.30 11.51
C PHE D 261 -26.43 -17.59 10.22
N PRO D 262 -25.51 -16.86 9.59
CA PRO D 262 -25.89 -16.12 8.38
C PRO D 262 -26.34 -17.00 7.23
N HIS D 263 -25.89 -18.26 7.17
CA HIS D 263 -26.32 -19.14 6.10
C HIS D 263 -27.78 -19.53 6.25
N LEU D 264 -28.26 -19.66 7.49
CA LEU D 264 -29.65 -20.01 7.74
C LEU D 264 -30.57 -19.06 6.97
N ASP D 265 -31.64 -19.61 6.42
CA ASP D 265 -32.59 -18.85 5.61
C ASP D 265 -33.75 -18.42 6.49
N ARG D 266 -33.86 -17.11 6.74
CA ARG D 266 -34.89 -16.61 7.64
C ARG D 266 -36.26 -16.61 6.98
N THR D 267 -36.34 -16.53 5.65
CA THR D 267 -37.63 -16.63 4.97
C THR D 267 -38.17 -18.06 5.01
N SER D 268 -37.32 -19.05 5.23
CA SER D 268 -37.79 -20.42 5.41
C SER D 268 -38.62 -20.51 6.69
N ASP D 269 -39.07 -21.73 7.00
CA ASP D 269 -39.91 -21.98 8.17
C ASP D 269 -39.02 -22.48 9.30
N ILE D 270 -38.78 -21.61 10.27
CA ILE D 270 -37.97 -21.93 11.45
C ILE D 270 -38.89 -21.77 12.66
N ARG D 271 -39.22 -22.88 13.31
CA ARG D 271 -40.18 -22.84 14.40
C ARG D 271 -39.50 -22.45 15.70
N ASN D 272 -40.28 -21.86 16.61
CA ASN D 272 -39.75 -21.43 17.88
C ASN D 272 -39.32 -22.62 18.73
N ILE D 273 -38.19 -22.48 19.41
CA ILE D 273 -37.66 -23.57 20.23
C ILE D 273 -38.64 -23.94 21.33
N CYS D 274 -39.32 -22.95 21.90
CA CYS D 274 -40.23 -23.18 23.02
C CYS D 274 -41.63 -23.57 22.58
N SER D 275 -41.89 -23.61 21.28
CA SER D 275 -43.14 -24.16 20.76
C SER D 275 -42.98 -25.59 20.25
N VAL D 276 -41.75 -26.06 20.10
CA VAL D 276 -41.47 -27.44 19.73
C VAL D 276 -40.81 -28.21 20.86
N ASP D 277 -40.57 -27.57 22.00
CA ASP D 277 -39.95 -28.22 23.14
C ASP D 277 -40.45 -27.54 24.40
N THR D 278 -40.01 -28.04 25.55
CA THR D 278 -40.50 -27.52 26.83
C THR D 278 -39.95 -26.13 27.12
N CYS D 279 -38.66 -25.92 26.87
CA CYS D 279 -37.94 -24.78 27.46
C CYS D 279 -38.12 -24.77 28.97
N LYS D 280 -38.08 -25.98 29.56
CA LYS D 280 -38.28 -26.18 30.99
C LYS D 280 -36.98 -26.69 31.60
N LEU D 281 -36.54 -26.04 32.67
CA LEU D 281 -35.30 -26.43 33.34
C LEU D 281 -35.63 -27.39 34.48
N LEU D 282 -34.58 -27.89 35.12
CA LEU D 282 -34.73 -28.82 36.23
C LEU D 282 -35.11 -28.07 37.49
N ASP D 283 -36.24 -28.45 38.09
CA ASP D 283 -36.64 -27.88 39.36
C ASP D 283 -35.59 -28.20 40.43
N PHE D 284 -35.77 -27.59 41.61
CA PHE D 284 -34.83 -27.82 42.69
C PHE D 284 -34.67 -29.29 43.00
N GLN D 285 -35.78 -30.04 43.04
CA GLN D 285 -35.71 -31.47 43.33
C GLN D 285 -34.87 -32.18 42.28
N GLU D 286 -35.23 -32.02 41.00
CA GLU D 286 -34.48 -32.65 39.93
C GLU D 286 -33.03 -32.20 39.93
N PHE D 287 -32.80 -30.91 40.16
CA PHE D 287 -31.44 -30.37 40.12
C PHE D 287 -30.56 -31.03 41.16
N THR D 288 -31.00 -31.01 42.42
CA THR D 288 -30.19 -31.59 43.49
C THR D 288 -29.85 -33.05 43.22
N LEU D 289 -30.80 -33.80 42.65
CA LEU D 289 -30.53 -35.19 42.29
C LEU D 289 -29.37 -35.29 41.32
N TYR D 290 -29.47 -34.58 40.19
CA TYR D 290 -28.44 -34.65 39.16
C TYR D 290 -27.06 -34.39 39.75
N LEU D 291 -26.91 -33.30 40.51
CA LEU D 291 -25.62 -33.00 41.12
C LEU D 291 -25.13 -34.16 41.98
N SER D 292 -26.03 -34.76 42.76
CA SER D 292 -25.63 -35.88 43.60
C SER D 292 -25.11 -37.04 42.75
N THR D 293 -25.85 -37.41 41.71
CA THR D 293 -25.40 -38.45 40.80
C THR D 293 -23.98 -38.20 40.35
N ARG D 294 -23.75 -37.04 39.72
CA ARG D 294 -22.39 -36.68 39.31
C ARG D 294 -21.44 -36.73 40.50
N LYS D 295 -21.89 -36.29 41.67
CA LYS D 295 -21.09 -36.39 42.88
C LYS D 295 -21.01 -37.84 43.33
N VAL D 302 -14.36 -44.19 49.86
CA VAL D 302 -15.75 -44.64 50.00
C VAL D 302 -16.47 -43.74 50.98
N LEU D 303 -15.82 -43.47 52.12
CA LEU D 303 -16.45 -42.69 53.18
C LEU D 303 -16.85 -41.30 52.69
N ARG D 304 -16.12 -40.75 51.72
CA ARG D 304 -16.54 -39.50 51.10
C ARG D 304 -17.75 -39.71 50.20
N LEU D 305 -17.95 -40.92 49.69
CA LEU D 305 -19.13 -41.22 48.90
C LEU D 305 -20.37 -41.38 49.77
N GLU D 306 -20.19 -41.78 51.03
CA GLU D 306 -21.31 -41.85 51.96
C GLU D 306 -21.82 -40.46 52.33
N LYS D 307 -21.00 -39.43 52.21
CA LYS D 307 -21.43 -38.08 52.56
C LYS D 307 -22.54 -37.60 51.64
N ILE D 308 -22.33 -37.70 50.32
CA ILE D 308 -23.27 -37.15 49.36
C ILE D 308 -24.65 -37.80 49.51
N MET D 309 -24.70 -39.03 50.01
CA MET D 309 -25.98 -39.68 50.21
C MET D 309 -26.75 -39.01 51.34
N GLU D 310 -26.10 -38.79 52.49
CA GLU D 310 -26.75 -38.08 53.59
C GLU D 310 -27.17 -36.68 53.21
N ASN D 311 -26.56 -36.09 52.17
CA ASN D 311 -26.89 -34.73 51.79
C ASN D 311 -28.28 -34.63 51.19
N LEU D 312 -28.74 -35.66 50.48
CA LEU D 312 -30.10 -35.66 49.95
C LEU D 312 -31.13 -36.13 50.98
N LYS D 313 -30.69 -36.84 52.02
CA LYS D 313 -31.61 -37.17 53.10
C LYS D 313 -31.95 -35.93 53.91
N ASN D 314 -31.00 -35.01 54.07
CA ASN D 314 -31.32 -33.72 54.65
C ASN D 314 -32.23 -32.90 53.74
N ALA D 315 -32.14 -33.13 52.43
CA ALA D 315 -32.97 -32.41 51.46
C ALA D 315 -34.37 -33.02 51.33
N GLU D 316 -34.59 -34.22 51.86
CA GLU D 316 -35.89 -34.89 51.77
C GLU D 316 -36.27 -35.12 50.31
N ILE D 317 -35.34 -35.66 49.55
CA ILE D 317 -35.52 -35.98 48.14
C ILE D 317 -35.13 -37.44 47.96
N GLU D 318 -36.09 -38.28 47.61
CA GLU D 318 -35.86 -39.72 47.58
C GLU D 318 -35.09 -40.11 46.31
N PRO D 319 -34.11 -40.99 46.41
CA PRO D 319 -33.43 -41.49 45.20
C PRO D 319 -34.41 -42.13 44.22
N ASP D 320 -33.96 -42.24 42.99
CA ASP D 320 -34.66 -42.98 41.95
C ASP D 320 -33.92 -44.29 41.68
N ASP D 321 -34.41 -45.04 40.70
CA ASP D 321 -33.79 -46.32 40.37
C ASP D 321 -32.40 -46.14 39.76
N TYR D 322 -32.17 -45.00 39.10
CA TYR D 322 -30.85 -44.75 38.52
C TYR D 322 -29.84 -44.40 39.60
N PHE D 323 -30.18 -43.48 40.48
CA PHE D 323 -29.24 -43.03 41.51
C PHE D 323 -28.74 -44.20 42.34
N MET D 324 -29.61 -45.17 42.62
CA MET D 324 -29.22 -46.32 43.43
C MET D 324 -28.40 -47.32 42.62
N SER D 325 -28.74 -47.50 41.34
CA SER D 325 -27.95 -48.39 40.49
C SER D 325 -26.51 -47.92 40.41
N ARG D 326 -26.30 -46.64 40.14
CA ARG D 326 -24.94 -46.10 40.09
C ARG D 326 -24.30 -46.10 41.47
N TYR D 327 -25.10 -46.02 42.53
CA TYR D 327 -24.57 -46.06 43.89
C TYR D 327 -23.90 -47.40 44.16
N GLU D 328 -24.65 -48.50 43.98
CA GLU D 328 -24.12 -49.83 44.28
C GLU D 328 -22.94 -50.19 43.39
N LYS D 329 -22.81 -49.56 42.22
CA LYS D 329 -21.68 -49.83 41.34
C LYS D 329 -20.44 -49.09 41.80
N LYS D 330 -20.59 -47.84 42.23
CA LYS D 330 -19.47 -47.07 42.76
C LYS D 330 -19.11 -47.57 44.16
#